data_6OK1
#
_entry.id   6OK1
#
_cell.length_a   91.680
_cell.length_b   110.560
_cell.length_c   120.140
_cell.angle_alpha   90.00
_cell.angle_beta   90.00
_cell.angle_gamma   90.00
#
_symmetry.space_group_name_H-M   'P 21 21 21'
#
loop_
_entity.id
_entity.type
_entity.pdbx_description
1 polymer 'Lipid-transfer protein'
2 polymer ChsH2(DUF35)
3 non-polymer 'SODIUM ION'
4 non-polymer '4-(2-HYDROXYETHYL)-1-PIPERAZINE ETHANESULFONIC ACID'
5 non-polymer 'CHLORIDE ION'
6 non-polymer DI(HYDROXYETHYL)ETHER
7 non-polymer 'ZINC ION'
8 water water
#
loop_
_entity_poly.entity_id
_entity_poly.type
_entity_poly.pdbx_seq_one_letter_code
_entity_poly.pdbx_strand_id
1 'polypeptide(L)'
;MSVLPGAAAIAGIGATEFSKNSGRSELQLACEAVLAAIADAGLEPSDVDGLVTFTADTSSEIHVARNTGIGELKFFSRVG
YGGGAACGTVQQAAMAVATGIAEVVVCYRAFNERSGVRYGLGQAGRQMDQGADSAAYAWLLPFGLNTPAQWVAMFARRYM
HEYGATSEDFGRVAVVDRKHAATNPKAWFYQRPITLEDHQNSRWIVEPLHLLDCCQESDGGQALVVVSTERARDLPHPPA
LIWGAAQGSGYDQHMMTSYYRSEITGIPEMGLVGQQLYAQSGLNPSDIGAAILYDHFTPLVLPQLEELGFCARGEAKDFI
ADGNLEIGGRLPCNTHGGQLGEAYIHGMNGIAEAVRLVRGTSVNQPGDVTNVLVTAGTGVPTSGLILGADRKLRSLEHHH
HHH
;
A,C
2 'polypeptide(L)'
;MRPAINRDNAFWFEAAKQRRLVIQRCAACKTLRHPPGPCCPHCGSFDWDTVEAAGTGQVYSYIVAHHPPHPAFEMPYVVA
LVELTEGTRLVTNLVGIAPDKIEIGMPVVLDWLEADPELTLPVFRPAVPQEES
;
B,D
#
loop_
_chem_comp.id
_chem_comp.type
_chem_comp.name
_chem_comp.formula
CL non-polymer 'CHLORIDE ION' 'Cl -1'
EPE non-polymer '4-(2-HYDROXYETHYL)-1-PIPERAZINE ETHANESULFONIC ACID' 'C8 H18 N2 O4 S'
NA non-polymer 'SODIUM ION' 'Na 1'
PEG non-polymer DI(HYDROXYETHYL)ETHER 'C4 H10 O3'
ZN non-polymer 'ZINC ION' 'Zn 2'
#
# COMPACT_ATOMS: atom_id res chain seq x y z
N VAL A 3 18.54 -14.74 9.71
CA VAL A 3 17.63 -15.68 10.34
C VAL A 3 16.47 -14.87 10.87
N LEU A 4 15.27 -15.21 10.45
CA LEU A 4 14.12 -14.40 10.86
C LEU A 4 13.49 -14.88 12.16
N PRO A 5 13.18 -16.17 12.33
CA PRO A 5 12.40 -16.57 13.50
C PRO A 5 13.16 -16.28 14.78
N GLY A 6 12.48 -15.61 15.70
CA GLY A 6 13.07 -15.24 16.97
C GLY A 6 14.00 -14.07 16.94
N ALA A 7 14.28 -13.50 15.76
CA ALA A 7 15.26 -12.42 15.66
C ALA A 7 14.71 -11.12 16.21
N ALA A 8 13.40 -10.91 16.12
CA ALA A 8 12.77 -9.67 16.54
C ALA A 8 11.70 -9.94 17.57
N ALA A 9 11.33 -8.88 18.28
CA ALA A 9 10.32 -9.03 19.30
C ALA A 9 9.47 -7.77 19.43
N ILE A 10 8.25 -7.93 19.91
CA ILE A 10 7.40 -6.80 20.28
C ILE A 10 7.71 -6.39 21.71
N ALA A 11 8.15 -5.15 21.86
CA ALA A 11 8.56 -4.60 23.13
C ALA A 11 7.60 -3.56 23.66
N GLY A 12 6.74 -3.01 22.80
CA GLY A 12 5.81 -1.98 23.21
C GLY A 12 4.49 -2.13 22.51
N ILE A 13 3.42 -1.85 23.26
CA ILE A 13 2.06 -1.75 22.76
C ILE A 13 1.46 -0.44 23.24
N GLY A 14 0.61 0.15 22.40
CA GLY A 14 -0.03 1.40 22.74
C GLY A 14 -1.33 1.53 22.01
N ALA A 15 -2.33 2.07 22.68
CA ALA A 15 -3.65 2.21 22.09
C ALA A 15 -4.33 3.46 22.63
N THR A 16 -5.22 4.03 21.82
CA THR A 16 -6.19 4.98 22.29
C THR A 16 -7.29 4.20 22.98
N GLU A 17 -8.23 4.92 23.59
CA GLU A 17 -9.49 4.29 23.92
C GLU A 17 -10.18 3.87 22.63
N PHE A 18 -10.85 2.73 22.68
CA PHE A 18 -11.71 2.27 21.59
C PHE A 18 -13.13 2.73 21.88
N SER A 19 -13.74 3.43 20.93
CA SER A 19 -15.04 4.03 21.21
C SER A 19 -15.91 4.00 19.96
N LYS A 20 -17.05 4.68 20.05
CA LYS A 20 -17.91 4.92 18.90
C LYS A 20 -17.88 6.37 18.47
N ASN A 21 -17.05 7.18 19.09
CA ASN A 21 -16.83 8.56 18.67
C ASN A 21 -15.59 9.12 19.33
N SER A 22 -14.48 9.12 18.59
CA SER A 22 -13.22 9.60 19.15
C SER A 22 -13.24 11.11 19.32
N GLY A 23 -14.06 11.79 18.53
CA GLY A 23 -14.05 13.24 18.58
C GLY A 23 -12.80 13.90 18.05
N ARG A 24 -11.91 13.15 17.38
CA ARG A 24 -10.67 13.76 16.89
C ARG A 24 -10.24 13.05 15.60
N SER A 25 -9.17 13.54 14.99
CA SER A 25 -8.78 13.06 13.67
C SER A 25 -8.15 11.68 13.73
N GLU A 26 -8.21 10.97 12.60
CA GLU A 26 -7.49 9.70 12.46
C GLU A 26 -6.00 9.89 12.69
N LEU A 27 -5.44 10.99 12.21
CA LEU A 27 -4.02 11.24 12.46
C LEU A 27 -3.73 11.42 13.94
N GLN A 28 -4.60 12.14 14.66
CA GLN A 28 -4.35 12.29 16.08
C GLN A 28 -4.39 10.93 16.77
N LEU A 29 -5.34 10.07 16.39
CA LEU A 29 -5.39 8.76 17.01
C LEU A 29 -4.11 7.97 16.73
N ALA A 30 -3.64 8.01 15.48
CA ALA A 30 -2.41 7.31 15.12
C ALA A 30 -1.26 7.83 15.95
N CYS A 31 -1.14 9.15 16.06
CA CYS A 31 -0.04 9.71 16.83
C CYS A 31 -0.13 9.33 18.29
N GLU A 32 -1.33 9.35 18.87
CA GLU A 32 -1.46 8.96 20.27
C GLU A 32 -1.02 7.52 20.49
N ALA A 33 -1.51 6.60 19.65
CA ALA A 33 -1.19 5.19 19.83
C ALA A 33 0.30 4.94 19.63
N VAL A 34 0.89 5.59 18.64
CA VAL A 34 2.30 5.40 18.33
C VAL A 34 3.17 5.90 19.48
N LEU A 35 2.90 7.11 19.98
CA LEU A 35 3.66 7.61 21.12
C LEU A 35 3.48 6.72 22.35
N ALA A 36 2.26 6.20 22.55
CA ALA A 36 2.01 5.34 23.71
C ALA A 36 2.82 4.05 23.61
N ALA A 37 2.91 3.47 22.40
CA ALA A 37 3.65 2.23 22.22
C ALA A 37 5.15 2.46 22.40
N ILE A 38 5.65 3.58 21.90
CA ILE A 38 7.05 3.95 22.04
C ILE A 38 7.40 4.07 23.52
N ALA A 39 6.58 4.82 24.26
CA ALA A 39 6.81 4.97 25.69
C ALA A 39 6.72 3.62 26.41
N ASP A 40 5.80 2.77 25.97
CA ASP A 40 5.65 1.46 26.59
C ASP A 40 6.90 0.62 26.41
N ALA A 41 7.62 0.80 25.30
CA ALA A 41 8.85 0.07 25.04
C ALA A 41 10.05 0.71 25.73
N GLY A 42 9.83 1.74 26.53
CA GLY A 42 10.92 2.45 27.18
C GLY A 42 11.84 3.17 26.23
N LEU A 43 11.32 3.61 25.08
CA LEU A 43 12.08 4.29 24.05
C LEU A 43 11.59 5.72 23.87
N GLU A 44 12.26 6.45 22.98
CA GLU A 44 11.94 7.82 22.59
CA GLU A 44 11.91 7.81 22.60
C GLU A 44 11.57 7.86 21.11
N PRO A 45 10.75 8.82 20.68
CA PRO A 45 10.40 8.88 19.24
C PRO A 45 11.59 8.92 18.30
N SER A 46 12.67 9.65 18.64
CA SER A 46 13.85 9.72 17.79
C SER A 46 14.53 8.37 17.61
N ASP A 47 14.23 7.39 18.46
CA ASP A 47 14.77 6.04 18.27
C ASP A 47 14.14 5.33 17.08
N VAL A 48 12.94 5.71 16.67
CA VAL A 48 12.18 5.01 15.62
C VAL A 48 12.76 5.29 14.25
N ASP A 49 13.05 4.24 13.48
CA ASP A 49 13.53 4.44 12.12
C ASP A 49 12.67 3.70 11.10
N GLY A 50 11.56 3.10 11.52
CA GLY A 50 10.67 2.41 10.59
C GLY A 50 9.23 2.56 10.99
N LEU A 51 8.35 2.63 9.98
CA LEU A 51 6.91 2.68 10.19
C LEU A 51 6.20 1.80 9.17
N VAL A 52 5.26 0.99 9.65
CA VAL A 52 4.48 0.08 8.80
C VAL A 52 3.00 0.28 9.09
N THR A 53 2.18 0.38 8.06
CA THR A 53 0.73 0.43 8.29
C THR A 53 0.02 -0.27 7.12
N PHE A 54 -1.29 -0.13 7.08
CA PHE A 54 -2.14 -0.72 6.05
C PHE A 54 -2.19 0.21 4.83
N THR A 55 -2.47 -0.38 3.66
CA THR A 55 -2.59 0.46 2.46
C THR A 55 -3.64 1.56 2.64
N ALA A 56 -4.74 1.24 3.31
CA ALA A 56 -5.89 2.16 3.41
C ALA A 56 -5.74 3.20 4.52
N ASP A 57 -4.74 3.06 5.38
CA ASP A 57 -4.56 4.01 6.46
C ASP A 57 -4.21 5.39 5.89
N THR A 58 -4.97 6.42 6.33
CA THR A 58 -4.83 7.76 5.77
C THR A 58 -3.75 8.58 6.46
N SER A 59 -3.24 8.12 7.60
CA SER A 59 -2.18 8.82 8.32
C SER A 59 -0.86 8.27 7.83
N SER A 60 -0.35 8.85 6.74
CA SER A 60 0.87 8.32 6.14
C SER A 60 2.04 8.37 7.11
N GLU A 61 3.05 7.54 6.81
CA GLU A 61 4.25 7.46 7.62
C GLU A 61 4.86 8.84 7.83
N ILE A 62 4.86 9.68 6.78
CA ILE A 62 5.51 10.97 6.94
C ILE A 62 4.71 11.90 7.84
N HIS A 63 3.38 11.79 7.82
CA HIS A 63 2.57 12.64 8.67
C HIS A 63 2.68 12.20 10.12
N VAL A 64 2.69 10.90 10.37
CA VAL A 64 2.96 10.41 11.73
C VAL A 64 4.35 10.87 12.18
N ALA A 65 5.33 10.74 11.31
CA ALA A 65 6.70 11.00 11.75
C ALA A 65 6.91 12.48 12.08
N ARG A 66 6.39 13.40 11.26
CA ARG A 66 6.65 14.82 11.54
C ARG A 66 5.82 15.33 12.70
N ASN A 67 4.71 14.66 13.02
CA ASN A 67 3.91 15.07 14.18
C ASN A 67 4.53 14.56 15.47
N THR A 68 5.06 13.34 15.47
CA THR A 68 5.51 12.70 16.71
C THR A 68 6.98 12.95 17.03
N GLY A 69 7.76 13.49 16.10
CA GLY A 69 9.19 13.64 16.31
C GLY A 69 10.00 12.41 16.01
N ILE A 70 9.41 11.42 15.33
CA ILE A 70 10.16 10.27 14.84
C ILE A 70 11.21 10.70 13.83
N GLY A 71 10.93 11.75 13.07
CA GLY A 71 11.95 12.31 12.19
C GLY A 71 12.23 11.40 11.00
N GLU A 72 13.51 11.12 10.75
CA GLU A 72 13.91 10.37 9.57
CA GLU A 72 13.86 10.39 9.55
C GLU A 72 13.45 8.92 9.68
N LEU A 73 13.24 8.31 8.52
CA LEU A 73 12.90 6.91 8.41
C LEU A 73 13.80 6.20 7.40
N LYS A 74 14.20 4.98 7.76
CA LYS A 74 14.89 4.09 6.85
C LYS A 74 14.00 2.96 6.33
N PHE A 75 12.74 2.90 6.77
CA PHE A 75 11.85 1.80 6.41
C PHE A 75 10.42 2.29 6.51
N PHE A 76 9.64 2.11 5.43
CA PHE A 76 8.23 2.47 5.45
C PHE A 76 7.51 1.67 4.37
N SER A 77 6.52 0.89 4.76
CA SER A 77 5.88 -0.06 3.87
C SER A 77 4.43 -0.22 4.28
N ARG A 78 3.67 -0.81 3.37
CA ARG A 78 2.25 -1.08 3.58
C ARG A 78 1.96 -2.52 3.21
N VAL A 79 0.92 -3.07 3.83
CA VAL A 79 0.36 -4.35 3.44
C VAL A 79 -1.12 -4.14 3.17
N GLY A 80 -1.64 -4.74 2.12
CA GLY A 80 -3.00 -4.50 1.67
C GLY A 80 -4.02 -5.50 2.20
N TYR A 81 -5.21 -5.40 1.63
CA TYR A 81 -6.33 -6.30 1.87
C TYR A 81 -6.92 -6.13 3.26
N GLY A 82 -7.04 -4.88 3.70
CA GLY A 82 -7.71 -4.56 4.95
C GLY A 82 -7.09 -5.30 6.12
N GLY A 83 -7.95 -5.83 7.00
CA GLY A 83 -7.48 -6.53 8.18
C GLY A 83 -6.67 -7.78 7.91
N GLY A 84 -6.70 -8.30 6.68
CA GLY A 84 -5.75 -9.36 6.32
C GLY A 84 -4.32 -8.99 6.64
N ALA A 85 -4.06 -7.69 6.71
CA ALA A 85 -2.71 -7.18 6.82
C ALA A 85 -2.15 -7.14 8.24
N ALA A 86 -2.97 -7.30 9.27
CA ALA A 86 -2.56 -6.91 10.61
C ALA A 86 -1.25 -7.60 11.02
N CYS A 87 -1.20 -8.92 10.87
CA CYS A 87 0.02 -9.64 11.27
C CYS A 87 1.15 -9.43 10.26
N GLY A 88 0.79 -9.19 9.00
CA GLY A 88 1.79 -8.83 8.00
C GLY A 88 2.57 -7.57 8.34
N THR A 89 1.94 -6.59 9.01
CA THR A 89 2.70 -5.40 9.35
C THR A 89 3.82 -5.75 10.32
N VAL A 90 3.55 -6.69 11.22
CA VAL A 90 4.58 -7.15 12.15
C VAL A 90 5.62 -8.00 11.44
N GLN A 91 5.23 -8.85 10.47
CA GLN A 91 6.22 -9.54 9.65
C GLN A 91 7.15 -8.55 8.99
N GLN A 92 6.59 -7.50 8.38
CA GLN A 92 7.41 -6.45 7.77
C GLN A 92 8.45 -5.92 8.74
N ALA A 93 8.02 -5.56 9.93
CA ALA A 93 8.91 -4.99 10.91
C ALA A 93 9.99 -5.99 11.31
N ALA A 94 9.59 -7.25 11.54
CA ALA A 94 10.55 -8.28 11.91
C ALA A 94 11.58 -8.50 10.81
N MET A 95 11.15 -8.49 9.55
CA MET A 95 12.05 -8.63 8.42
CA MET A 95 12.07 -8.64 8.44
C MET A 95 13.04 -7.47 8.34
N ALA A 96 12.55 -6.25 8.58
CA ALA A 96 13.45 -5.09 8.53
C ALA A 96 14.48 -5.16 9.65
N VAL A 97 14.06 -5.64 10.82
CA VAL A 97 15.00 -5.78 11.94
C VAL A 97 16.01 -6.88 11.64
N ALA A 98 15.53 -8.04 11.18
CA ALA A 98 16.40 -9.18 10.95
C ALA A 98 17.48 -8.88 9.91
N THR A 99 17.16 -8.06 8.91
CA THR A 99 18.10 -7.75 7.83
C THR A 99 18.94 -6.51 8.13
N GLY A 100 18.73 -5.86 9.26
CA GLY A 100 19.49 -4.68 9.61
C GLY A 100 19.06 -3.41 8.92
N ILE A 101 17.95 -3.42 8.22
CA ILE A 101 17.52 -2.19 7.58
CA ILE A 101 17.47 -2.20 7.58
C ILE A 101 17.00 -1.19 8.62
N ALA A 102 16.35 -1.68 9.67
CA ALA A 102 15.82 -0.80 10.70
C ALA A 102 16.08 -1.42 12.06
N GLU A 103 16.18 -0.57 13.07
CA GLU A 103 16.35 -1.01 14.46
C GLU A 103 15.07 -0.93 15.27
N VAL A 104 14.18 0.03 14.99
CA VAL A 104 13.00 0.27 15.81
C VAL A 104 11.85 0.61 14.88
N VAL A 105 10.89 -0.30 14.75
CA VAL A 105 9.81 -0.18 13.78
C VAL A 105 8.50 -0.11 14.54
N VAL A 106 7.66 0.86 14.20
CA VAL A 106 6.31 0.95 14.77
C VAL A 106 5.29 0.55 13.72
N CYS A 107 4.43 -0.41 14.06
CA CYS A 107 3.32 -0.84 13.23
C CYS A 107 2.05 -0.23 13.80
N TYR A 108 1.20 0.37 12.94
CA TYR A 108 0.04 1.06 13.49
C TYR A 108 -1.16 1.01 12.55
N ARG A 109 -2.34 1.28 13.12
CA ARG A 109 -3.57 1.47 12.38
C ARG A 109 -4.45 2.33 13.25
N ALA A 110 -5.04 3.37 12.67
CA ALA A 110 -5.98 4.20 13.41
C ALA A 110 -7.04 4.75 12.49
N PHE A 111 -8.29 4.77 12.96
CA PHE A 111 -9.36 5.25 12.12
C PHE A 111 -10.58 5.64 12.95
N ASN A 112 -11.47 6.39 12.31
CA ASN A 112 -12.81 6.65 12.82
C ASN A 112 -13.83 5.91 11.96
N GLU A 113 -13.86 4.59 12.07
CA GLU A 113 -14.78 3.82 11.25
CA GLU A 113 -14.78 3.82 11.25
C GLU A 113 -16.22 3.90 11.74
N ARG A 114 -16.45 4.20 13.02
CA ARG A 114 -17.83 4.35 13.49
C ARG A 114 -18.38 5.75 13.26
N SER A 115 -17.56 6.78 13.50
CA SER A 115 -18.03 8.15 13.39
C SER A 115 -17.71 8.82 12.05
N GLY A 116 -16.84 8.25 11.24
CA GLY A 116 -16.46 8.90 9.98
C GLY A 116 -17.50 8.64 8.89
N VAL A 117 -17.69 9.63 8.03
CA VAL A 117 -18.70 9.62 6.95
C VAL A 117 -19.52 8.33 6.86
N MET A 128 -13.94 4.49 -7.59
CA MET A 128 -14.09 3.51 -8.65
C MET A 128 -13.45 4.04 -9.95
N ASP A 129 -12.41 3.34 -10.40
CA ASP A 129 -11.67 3.66 -11.62
C ASP A 129 -11.72 2.47 -12.60
N GLN A 130 -10.80 2.39 -13.56
CA GLN A 130 -10.83 1.32 -14.55
C GLN A 130 -9.96 0.15 -14.16
N GLY A 131 -9.47 0.10 -12.89
CA GLY A 131 -8.53 -0.92 -12.51
C GLY A 131 -9.21 -2.22 -12.09
N ALA A 132 -8.37 -3.21 -11.84
CA ALA A 132 -8.88 -4.55 -11.53
C ALA A 132 -9.59 -4.60 -10.19
N ASP A 133 -9.10 -3.86 -9.19
CA ASP A 133 -9.75 -3.86 -7.87
C ASP A 133 -11.18 -3.32 -7.98
N SER A 134 -11.35 -2.21 -8.70
CA SER A 134 -12.69 -1.67 -8.92
C SER A 134 -13.55 -2.65 -9.69
N ALA A 135 -12.99 -3.22 -10.75
CA ALA A 135 -13.76 -4.09 -11.63
C ALA A 135 -14.23 -5.36 -10.92
N ALA A 136 -13.58 -5.74 -9.84
CA ALA A 136 -14.00 -6.94 -9.12
C ALA A 136 -15.40 -6.78 -8.57
N TYR A 137 -15.82 -5.55 -8.33
CA TYR A 137 -17.14 -5.32 -7.76
C TYR A 137 -18.25 -5.59 -8.77
N ALA A 138 -17.92 -5.73 -10.05
CA ALA A 138 -18.94 -5.98 -11.06
C ALA A 138 -19.65 -7.31 -10.84
N TRP A 139 -19.01 -8.25 -10.12
CA TRP A 139 -19.59 -9.58 -9.90
C TRP A 139 -20.46 -9.61 -8.66
N LEU A 140 -20.56 -8.50 -7.95
CA LEU A 140 -21.14 -8.46 -6.62
C LEU A 140 -22.25 -7.43 -6.55
N LEU A 141 -21.95 -6.17 -6.82
CA LEU A 141 -22.92 -5.11 -6.54
C LEU A 141 -24.18 -5.17 -7.40
N PRO A 142 -24.10 -5.56 -8.68
CA PRO A 142 -25.32 -5.64 -9.49
C PRO A 142 -26.32 -6.63 -8.97
N PHE A 143 -25.88 -7.57 -8.15
CA PHE A 143 -26.71 -8.60 -7.60
C PHE A 143 -27.08 -8.32 -6.15
N GLY A 144 -26.64 -7.19 -5.60
CA GLY A 144 -26.94 -6.89 -4.22
C GLY A 144 -26.09 -7.62 -3.22
N LEU A 145 -24.95 -8.18 -3.63
CA LEU A 145 -24.06 -8.86 -2.71
C LEU A 145 -23.01 -7.82 -2.33
N ASN A 146 -23.40 -6.93 -1.42
CA ASN A 146 -22.67 -5.67 -1.24
C ASN A 146 -22.05 -5.49 0.15
N THR A 147 -22.19 -6.44 1.06
CA THR A 147 -21.58 -6.24 2.36
C THR A 147 -20.63 -7.38 2.76
N PRO A 148 -19.69 -7.08 3.64
CA PRO A 148 -18.82 -8.14 4.17
C PRO A 148 -19.58 -9.24 4.87
N ALA A 149 -20.66 -8.92 5.58
CA ALA A 149 -21.44 -9.97 6.20
C ALA A 149 -21.98 -10.93 5.16
N GLN A 150 -22.47 -10.41 4.04
CA GLN A 150 -23.00 -11.28 3.00
C GLN A 150 -21.89 -12.09 2.36
N TRP A 151 -20.72 -11.46 2.15
CA TRP A 151 -19.62 -12.19 1.55
C TRP A 151 -19.22 -13.38 2.42
N VAL A 152 -19.22 -13.19 3.75
CA VAL A 152 -18.88 -14.25 4.68
C VAL A 152 -20.00 -15.29 4.73
N ALA A 153 -21.25 -14.82 4.67
CA ALA A 153 -22.39 -15.72 4.77
C ALA A 153 -22.37 -16.75 3.66
N MET A 154 -21.87 -16.40 2.48
CA MET A 154 -21.81 -17.35 1.38
C MET A 154 -20.93 -18.54 1.70
N PHE A 155 -19.81 -18.30 2.39
CA PHE A 155 -18.96 -19.39 2.86
C PHE A 155 -19.64 -20.16 3.99
N ALA A 156 -20.18 -19.45 4.97
CA ALA A 156 -20.75 -20.10 6.14
C ALA A 156 -21.86 -21.09 5.77
N ARG A 157 -22.71 -20.70 4.82
CA ARG A 157 -23.81 -21.58 4.44
C ARG A 157 -23.29 -22.89 3.87
N ARG A 158 -22.22 -22.82 3.08
CA ARG A 158 -21.64 -24.04 2.51
C ARG A 158 -20.94 -24.87 3.57
N TYR A 159 -20.30 -24.22 4.55
CA TYR A 159 -19.67 -24.95 5.64
C TYR A 159 -20.72 -25.71 6.47
N MET A 160 -21.88 -25.09 6.69
CA MET A 160 -22.99 -25.78 7.36
C MET A 160 -23.43 -26.99 6.57
N HIS A 161 -23.57 -26.82 5.26
CA HIS A 161 -23.99 -27.92 4.39
C HIS A 161 -23.02 -29.09 4.48
N GLU A 162 -21.73 -28.82 4.36
CA GLU A 162 -20.78 -29.91 4.27
CA GLU A 162 -20.74 -29.90 4.27
C GLU A 162 -20.55 -30.60 5.60
N TYR A 163 -20.64 -29.87 6.71
CA TYR A 163 -20.20 -30.41 8.00
C TYR A 163 -21.29 -30.48 9.04
N GLY A 164 -22.49 -29.99 8.76
CA GLY A 164 -23.58 -30.06 9.69
C GLY A 164 -23.47 -29.10 10.85
N ALA A 165 -22.61 -28.09 10.76
CA ALA A 165 -22.60 -27.04 11.75
C ALA A 165 -23.89 -26.25 11.64
N THR A 166 -24.30 -25.69 12.77
CA THR A 166 -25.54 -24.95 12.89
C THR A 166 -25.25 -23.53 13.35
N SER A 167 -26.30 -22.72 13.35
CA SER A 167 -26.16 -21.36 13.86
C SER A 167 -25.68 -21.36 15.31
N GLU A 168 -26.13 -22.32 16.13
CA GLU A 168 -25.67 -22.33 17.52
C GLU A 168 -24.18 -22.57 17.61
N ASP A 169 -23.60 -23.35 16.68
CA ASP A 169 -22.15 -23.55 16.69
C ASP A 169 -21.43 -22.23 16.46
N PHE A 170 -21.90 -21.41 15.52
CA PHE A 170 -21.33 -20.07 15.35
C PHE A 170 -21.58 -19.22 16.59
N GLY A 171 -22.77 -19.36 17.19
CA GLY A 171 -23.11 -18.60 18.37
C GLY A 171 -22.17 -18.86 19.55
N ARG A 172 -21.68 -20.09 19.67
CA ARG A 172 -20.77 -20.38 20.78
C ARG A 172 -19.52 -19.53 20.70
N VAL A 173 -19.09 -19.17 19.49
CA VAL A 173 -17.96 -18.28 19.32
C VAL A 173 -18.31 -16.91 19.86
N ALA A 174 -19.50 -16.43 19.52
CA ALA A 174 -19.93 -15.13 20.01
C ALA A 174 -20.01 -15.12 21.53
N VAL A 175 -20.53 -16.20 22.12
CA VAL A 175 -20.70 -16.25 23.57
C VAL A 175 -19.36 -16.22 24.27
N VAL A 176 -18.38 -17.01 23.79
CA VAL A 176 -17.09 -17.01 24.47
C VAL A 176 -16.37 -15.67 24.25
N ASP A 177 -16.44 -15.11 23.04
CA ASP A 177 -15.94 -13.76 22.86
C ASP A 177 -16.52 -12.79 23.90
N ARG A 178 -17.85 -12.78 24.01
CA ARG A 178 -18.48 -11.81 24.90
C ARG A 178 -18.22 -12.16 26.37
N LYS A 179 -18.00 -13.44 26.68
CA LYS A 179 -17.63 -13.79 28.04
C LYS A 179 -16.31 -13.13 28.42
N HIS A 180 -15.34 -13.21 27.53
CA HIS A 180 -14.04 -12.62 27.80
C HIS A 180 -14.08 -11.11 27.74
N ALA A 181 -14.87 -10.56 26.81
CA ALA A 181 -15.00 -9.10 26.76
C ALA A 181 -15.61 -8.56 28.04
N ALA A 182 -16.51 -9.32 28.65
CA ALA A 182 -17.25 -8.82 29.81
C ALA A 182 -16.35 -8.51 31.00
N THR A 183 -15.17 -9.14 31.12
CA THR A 183 -14.23 -8.84 32.19
C THR A 183 -13.06 -7.98 31.71
N ASN A 184 -13.18 -7.36 30.53
CA ASN A 184 -12.12 -6.54 29.97
C ASN A 184 -12.53 -5.07 30.01
N PRO A 185 -11.98 -4.26 30.92
CA PRO A 185 -12.44 -2.86 31.02
C PRO A 185 -12.25 -2.06 29.75
N LYS A 186 -11.37 -2.50 28.85
CA LYS A 186 -11.13 -1.79 27.60
C LYS A 186 -12.13 -2.16 26.52
N ALA A 187 -12.89 -3.22 26.72
CA ALA A 187 -13.80 -3.75 25.72
C ALA A 187 -15.09 -2.96 25.67
N TRP A 188 -15.66 -2.84 24.47
CA TRP A 188 -16.91 -2.11 24.35
C TRP A 188 -18.00 -2.79 25.12
N PHE A 189 -17.96 -4.12 25.21
CA PHE A 189 -18.99 -4.88 25.90
C PHE A 189 -18.53 -5.35 27.27
N TYR A 190 -17.66 -4.57 27.91
CA TYR A 190 -17.36 -4.75 29.33
C TYR A 190 -18.65 -4.88 30.13
N GLN A 191 -18.71 -5.89 30.98
CA GLN A 191 -19.84 -6.14 31.87
C GLN A 191 -21.13 -6.46 31.13
N ARG A 192 -21.07 -6.91 29.87
CA ARG A 192 -22.28 -7.19 29.10
C ARG A 192 -22.16 -8.54 28.39
N PRO A 193 -22.06 -9.63 29.14
CA PRO A 193 -22.01 -10.95 28.51
C PRO A 193 -23.34 -11.30 27.87
N ILE A 194 -23.30 -12.28 26.96
CA ILE A 194 -24.51 -12.76 26.30
C ILE A 194 -24.67 -14.25 26.58
N THR A 195 -25.89 -14.72 26.36
CA THR A 195 -26.16 -16.14 26.34
C THR A 195 -26.31 -16.61 24.89
N LEU A 196 -26.23 -17.94 24.72
CA LEU A 196 -26.48 -18.51 23.40
C LEU A 196 -27.92 -18.22 22.97
N GLU A 197 -28.84 -18.18 23.93
CA GLU A 197 -30.20 -17.79 23.62
C GLU A 197 -30.27 -16.36 23.09
N ASP A 198 -29.49 -15.45 23.69
CA ASP A 198 -29.42 -14.09 23.19
C ASP A 198 -29.00 -14.08 21.72
N HIS A 199 -27.99 -14.89 21.40
CA HIS A 199 -27.47 -14.95 20.05
C HIS A 199 -28.54 -15.44 19.08
N GLN A 200 -29.26 -16.47 19.48
CA GLN A 200 -30.25 -17.09 18.59
C GLN A 200 -31.47 -16.21 18.41
N ASN A 201 -31.79 -15.39 19.41
CA ASN A 201 -32.92 -14.46 19.33
C ASN A 201 -32.58 -13.19 18.56
N SER A 202 -31.29 -12.90 18.34
CA SER A 202 -30.95 -11.66 17.66
C SER A 202 -31.30 -11.76 16.18
N ARG A 203 -31.66 -10.62 15.61
CA ARG A 203 -32.27 -10.59 14.28
C ARG A 203 -31.31 -11.11 13.22
N TRP A 204 -31.87 -11.64 12.14
CA TRP A 204 -31.05 -12.02 10.99
C TRP A 204 -30.50 -10.76 10.34
N ILE A 205 -29.22 -10.82 9.96
CA ILE A 205 -28.63 -9.82 9.08
C ILE A 205 -28.66 -10.45 7.67
N VAL A 206 -27.90 -11.51 7.49
CA VAL A 206 -27.89 -12.28 6.25
C VAL A 206 -27.69 -13.74 6.64
N GLU A 207 -28.70 -14.57 6.36
CA GLU A 207 -28.61 -15.95 6.80
C GLU A 207 -27.32 -16.56 6.22
N PRO A 208 -26.55 -17.30 7.02
CA PRO A 208 -26.87 -17.79 8.37
C PRO A 208 -26.31 -16.96 9.53
N LEU A 209 -26.11 -15.67 9.32
CA LEU A 209 -25.52 -14.79 10.32
C LEU A 209 -26.60 -13.95 11.02
N HIS A 210 -26.63 -14.05 12.35
CA HIS A 210 -27.41 -13.18 13.21
C HIS A 210 -26.66 -11.86 13.43
N LEU A 211 -27.37 -10.89 13.99
CA LEU A 211 -26.73 -9.65 14.42
C LEU A 211 -25.54 -9.93 15.33
N LEU A 212 -25.67 -10.86 16.28
CA LEU A 212 -24.59 -11.09 17.20
C LEU A 212 -23.45 -11.97 16.63
N ASP A 213 -23.51 -12.36 15.35
CA ASP A 213 -22.35 -12.94 14.64
C ASP A 213 -21.45 -11.88 14.05
N CYS A 214 -21.84 -10.62 14.12
CA CYS A 214 -21.20 -9.53 13.40
C CYS A 214 -20.64 -8.51 14.37
N CYS A 215 -19.39 -8.09 14.15
CA CYS A 215 -18.84 -7.06 15.03
C CYS A 215 -19.32 -5.66 14.59
N GLN A 216 -19.27 -4.72 15.51
CA GLN A 216 -19.60 -3.34 15.18
C GLN A 216 -18.33 -2.59 14.81
N GLU A 217 -18.50 -1.44 14.16
CA GLU A 217 -17.35 -0.63 13.83
C GLU A 217 -16.89 0.19 15.04
N SER A 218 -15.64 0.65 14.96
CA SER A 218 -14.97 1.30 16.07
C SER A 218 -14.21 2.54 15.59
N ASP A 219 -14.01 3.47 16.53
CA ASP A 219 -13.05 4.54 16.41
C ASP A 219 -11.89 4.21 17.36
N GLY A 220 -10.67 4.38 16.87
CA GLY A 220 -9.52 4.16 17.73
C GLY A 220 -8.25 3.88 16.96
N GLY A 221 -7.16 3.78 17.71
CA GLY A 221 -5.84 3.51 17.14
C GLY A 221 -5.07 2.52 17.98
N GLN A 222 -4.23 1.73 17.30
CA GLN A 222 -3.40 0.70 17.92
C GLN A 222 -2.01 0.74 17.30
N ALA A 223 -0.97 0.64 18.14
CA ALA A 223 0.40 0.64 17.66
C ALA A 223 1.20 -0.41 18.40
N LEU A 224 2.28 -0.87 17.76
CA LEU A 224 3.13 -1.95 18.24
C LEU A 224 4.58 -1.60 17.89
N VAL A 225 5.52 -1.75 18.84
CA VAL A 225 6.93 -1.45 18.64
C VAL A 225 7.71 -2.76 18.51
N VAL A 226 8.45 -2.89 17.41
CA VAL A 226 9.23 -4.10 17.13
C VAL A 226 10.70 -3.72 17.13
N VAL A 227 11.52 -4.50 17.84
CA VAL A 227 12.96 -4.29 17.88
C VAL A 227 13.64 -5.65 17.79
N SER A 228 14.98 -5.66 17.77
CA SER A 228 15.65 -6.94 17.86
C SER A 228 15.38 -7.58 19.20
N THR A 229 15.43 -8.91 19.24
CA THR A 229 15.26 -9.60 20.52
C THR A 229 16.34 -9.17 21.52
N GLU A 230 17.58 -8.98 21.06
CA GLU A 230 18.65 -8.51 21.94
C GLU A 230 18.31 -7.16 22.55
N ARG A 231 17.83 -6.22 21.71
CA ARG A 231 17.40 -4.92 22.22
CA ARG A 231 17.40 -4.92 22.21
C ARG A 231 16.23 -5.04 23.18
N ALA A 232 15.24 -5.88 22.84
CA ALA A 232 14.07 -6.01 23.70
C ALA A 232 14.44 -6.45 25.10
N ARG A 233 15.49 -7.26 25.22
CA ARG A 233 15.91 -7.74 26.54
C ARG A 233 16.38 -6.62 27.46
N ASP A 234 16.77 -5.48 26.92
CA ASP A 234 17.14 -4.33 27.74
C ASP A 234 16.00 -3.34 27.94
N LEU A 235 14.83 -3.60 27.38
CA LEU A 235 13.68 -2.73 27.55
C LEU A 235 12.79 -3.23 28.69
N PRO A 236 11.73 -2.48 29.04
CA PRO A 236 11.03 -2.73 30.32
C PRO A 236 10.25 -4.03 30.44
N HIS A 237 9.60 -4.51 29.37
CA HIS A 237 8.70 -5.64 29.47
C HIS A 237 9.38 -6.94 29.08
N PRO A 238 8.85 -8.08 29.54
CA PRO A 238 9.22 -9.34 28.93
C PRO A 238 9.03 -9.25 27.43
N PRO A 239 10.05 -9.57 26.62
CA PRO A 239 9.89 -9.49 25.17
C PRO A 239 8.91 -10.54 24.68
N ALA A 240 8.10 -10.15 23.67
CA ALA A 240 7.20 -11.07 23.01
C ALA A 240 7.90 -11.41 21.69
N LEU A 241 8.63 -12.53 21.68
CA LEU A 241 9.45 -12.82 20.52
C LEU A 241 8.57 -13.21 19.35
N ILE A 242 8.99 -12.80 18.17
CA ILE A 242 8.28 -13.13 16.94
C ILE A 242 8.93 -14.41 16.42
N TRP A 243 8.37 -15.55 16.86
CA TRP A 243 8.86 -16.86 16.44
C TRP A 243 8.30 -17.31 15.11
N GLY A 244 7.11 -16.85 14.76
CA GLY A 244 6.58 -17.05 13.44
C GLY A 244 5.89 -15.80 12.96
N ALA A 245 6.06 -15.51 11.68
CA ALA A 245 5.39 -14.37 11.05
C ALA A 245 5.25 -14.70 9.60
N ALA A 246 4.03 -14.72 9.08
CA ALA A 246 3.79 -15.27 7.75
C ALA A 246 2.62 -14.55 7.10
N GLN A 247 2.67 -14.49 5.76
CA GLN A 247 1.58 -14.07 4.90
C GLN A 247 1.10 -15.26 4.09
N GLY A 248 -0.13 -15.18 3.61
CA GLY A 248 -0.65 -16.22 2.77
C GLY A 248 -1.78 -15.74 1.87
N SER A 249 -1.67 -16.07 0.60
CA SER A 249 -2.72 -15.86 -0.38
C SER A 249 -2.83 -17.14 -1.18
N GLY A 250 -4.07 -17.63 -1.36
CA GLY A 250 -4.26 -18.96 -1.91
C GLY A 250 -4.45 -18.97 -3.40
N TYR A 251 -4.50 -20.18 -3.94
CA TYR A 251 -4.87 -20.35 -5.33
CA TYR A 251 -4.86 -20.35 -5.34
C TYR A 251 -6.21 -19.71 -5.60
N ASP A 252 -6.32 -19.01 -6.73
CA ASP A 252 -7.54 -18.30 -7.10
C ASP A 252 -8.12 -17.49 -5.92
N GLN A 253 -7.28 -16.63 -5.37
CA GLN A 253 -7.68 -15.76 -4.27
C GLN A 253 -8.42 -14.54 -4.79
N HIS A 254 -9.57 -14.23 -4.16
CA HIS A 254 -10.33 -13.01 -4.38
C HIS A 254 -10.43 -12.25 -3.06
N MET A 255 -10.89 -11.00 -3.14
CA MET A 255 -11.09 -10.16 -1.97
CA MET A 255 -11.09 -10.16 -1.97
C MET A 255 -12.47 -10.47 -1.39
N MET A 256 -12.48 -11.31 -0.37
CA MET A 256 -13.63 -11.77 0.41
C MET A 256 -14.55 -12.70 -0.35
N THR A 257 -14.28 -13.02 -1.60
CA THR A 257 -15.25 -13.72 -2.44
C THR A 257 -14.60 -14.84 -3.27
N SER A 258 -13.70 -15.61 -2.64
CA SER A 258 -13.04 -16.74 -3.34
C SER A 258 -14.00 -17.93 -3.41
N TYR A 259 -14.96 -17.80 -4.30
CA TYR A 259 -16.10 -18.69 -4.41
C TYR A 259 -15.95 -19.72 -5.53
N TYR A 260 -14.79 -19.75 -6.18
CA TYR A 260 -14.63 -20.46 -7.44
C TYR A 260 -13.63 -21.60 -7.33
N ARG A 261 -13.07 -21.82 -6.15
CA ARG A 261 -12.18 -22.93 -5.86
C ARG A 261 -12.93 -24.24 -5.80
N SER A 262 -12.19 -25.36 -5.92
CA SER A 262 -12.85 -26.66 -5.87
CA SER A 262 -12.85 -26.66 -5.86
C SER A 262 -13.64 -26.81 -4.57
N GLU A 263 -13.06 -26.36 -3.46
CA GLU A 263 -13.74 -26.34 -2.17
CA GLU A 263 -13.72 -26.35 -2.16
C GLU A 263 -13.62 -24.95 -1.58
N ILE A 264 -14.70 -24.46 -0.98
CA ILE A 264 -14.75 -23.10 -0.46
C ILE A 264 -15.04 -23.06 1.04
N THR A 265 -15.05 -24.21 1.71
CA THR A 265 -15.44 -24.25 3.11
C THR A 265 -14.26 -24.14 4.06
N GLY A 266 -13.04 -24.29 3.57
CA GLY A 266 -11.86 -24.02 4.36
C GLY A 266 -11.37 -22.61 4.12
N ILE A 267 -10.13 -22.36 4.51
CA ILE A 267 -9.47 -21.08 4.23
C ILE A 267 -8.04 -21.45 3.84
N PRO A 268 -7.81 -21.86 2.59
CA PRO A 268 -6.49 -22.37 2.22
C PRO A 268 -5.38 -21.40 2.49
N GLU A 269 -5.66 -20.11 2.33
CA GLU A 269 -4.61 -19.12 2.58
C GLU A 269 -4.24 -19.05 4.06
N MET A 270 -5.16 -19.38 4.96
CA MET A 270 -4.79 -19.47 6.37
C MET A 270 -4.03 -20.76 6.66
N GLY A 271 -4.35 -21.84 5.95
CA GLY A 271 -3.53 -23.04 6.06
C GLY A 271 -2.09 -22.77 5.67
N LEU A 272 -1.90 -21.94 4.63
CA LEU A 272 -0.56 -21.61 4.16
C LEU A 272 0.18 -20.76 5.19
N VAL A 273 -0.52 -19.79 5.79
CA VAL A 273 0.06 -19.06 6.93
C VAL A 273 0.49 -20.02 8.03
N GLY A 274 -0.40 -20.91 8.42
CA GLY A 274 -0.08 -21.79 9.54
C GLY A 274 1.11 -22.69 9.27
N GLN A 275 1.19 -23.24 8.06
CA GLN A 275 2.33 -24.10 7.70
CA GLN A 275 2.33 -24.09 7.71
C GLN A 275 3.65 -23.36 7.91
N GLN A 276 3.70 -22.09 7.50
CA GLN A 276 4.91 -21.30 7.66
C GLN A 276 5.17 -21.00 9.12
N LEU A 277 4.13 -20.65 9.88
CA LEU A 277 4.32 -20.34 11.31
C LEU A 277 4.92 -21.52 12.04
N TYR A 278 4.40 -22.71 11.79
CA TYR A 278 4.92 -23.88 12.49
C TYR A 278 6.33 -24.24 12.02
N ALA A 279 6.59 -24.13 10.71
CA ALA A 279 7.93 -24.43 10.22
C ALA A 279 8.96 -23.43 10.73
N GLN A 280 8.58 -22.14 10.76
CA GLN A 280 9.51 -21.11 11.19
C GLN A 280 9.90 -21.30 12.65
N SER A 281 8.90 -21.54 13.49
CA SER A 281 9.05 -21.55 14.93
C SER A 281 9.53 -22.88 15.48
N GLY A 282 9.48 -23.93 14.67
CA GLY A 282 9.76 -25.27 15.17
C GLY A 282 8.71 -25.83 16.09
N LEU A 283 7.49 -25.29 16.04
CA LEU A 283 6.41 -25.67 16.93
C LEU A 283 5.35 -26.44 16.16
N ASN A 284 4.55 -27.15 16.92
CA ASN A 284 3.34 -27.84 16.50
C ASN A 284 2.13 -27.18 17.13
N PRO A 285 0.93 -27.49 16.63
CA PRO A 285 -0.27 -26.97 17.29
C PRO A 285 -0.28 -27.27 18.79
N SER A 286 0.16 -28.45 19.20
CA SER A 286 0.14 -28.81 20.63
C SER A 286 0.98 -27.85 21.47
N ASP A 287 1.93 -27.14 20.86
CA ASP A 287 2.74 -26.20 21.61
C ASP A 287 2.09 -24.84 21.80
N ILE A 288 0.96 -24.58 21.15
CA ILE A 288 0.29 -23.30 21.23
C ILE A 288 -0.62 -23.30 22.45
N GLY A 289 -0.44 -22.32 23.33
CA GLY A 289 -1.14 -22.27 24.60
C GLY A 289 -2.30 -21.29 24.61
N ALA A 290 -2.45 -20.51 23.56
CA ALA A 290 -3.60 -19.61 23.43
C ALA A 290 -3.70 -19.19 21.97
N ALA A 291 -4.90 -18.78 21.55
CA ALA A 291 -5.08 -18.30 20.18
C ALA A 291 -5.91 -17.02 20.13
N ILE A 292 -5.47 -16.08 19.31
CA ILE A 292 -6.23 -14.87 19.02
C ILE A 292 -6.69 -15.05 17.57
N LEU A 293 -7.96 -15.44 17.37
CA LEU A 293 -8.48 -15.84 16.06
C LEU A 293 -9.42 -14.75 15.57
N TYR A 294 -9.04 -14.15 14.43
CA TYR A 294 -9.77 -13.02 13.86
C TYR A 294 -11.24 -13.36 13.70
N ASP A 295 -12.08 -12.45 14.17
CA ASP A 295 -13.47 -12.77 14.47
C ASP A 295 -14.36 -11.57 14.23
N HIS A 296 -14.11 -10.82 13.15
CA HIS A 296 -15.07 -9.75 12.81
C HIS A 296 -16.43 -10.34 12.45
N PHE A 297 -16.44 -11.59 11.99
CA PHE A 297 -17.64 -12.42 11.88
C PHE A 297 -17.30 -13.77 12.50
N THR A 298 -18.25 -14.36 13.18
CA THR A 298 -17.97 -15.61 13.88
C THR A 298 -17.70 -16.84 13.01
N PRO A 299 -18.36 -17.01 11.86
CA PRO A 299 -18.33 -18.37 11.26
C PRO A 299 -16.96 -18.81 10.81
N LEU A 300 -16.11 -17.90 10.35
CA LEU A 300 -14.83 -18.33 9.84
C LEU A 300 -13.83 -18.66 10.95
N VAL A 301 -14.24 -18.50 12.20
CA VAL A 301 -13.39 -19.01 13.28
C VAL A 301 -13.28 -20.52 13.20
N LEU A 302 -14.35 -21.20 12.75
CA LEU A 302 -14.35 -22.65 12.75
C LEU A 302 -13.33 -23.21 11.75
N PRO A 303 -13.38 -22.81 10.47
CA PRO A 303 -12.32 -23.31 9.56
C PRO A 303 -10.92 -22.85 9.93
N GLN A 304 -10.77 -21.71 10.63
CA GLN A 304 -9.45 -21.33 11.08
C GLN A 304 -8.86 -22.40 12.00
N LEU A 305 -9.66 -22.89 12.94
CA LEU A 305 -9.16 -23.93 13.84
C LEU A 305 -8.70 -25.16 13.08
N GLU A 306 -9.43 -25.49 12.02
CA GLU A 306 -9.10 -26.65 11.21
C GLU A 306 -7.86 -26.42 10.36
N GLU A 307 -7.77 -25.23 9.74
CA GLU A 307 -6.60 -24.91 8.92
C GLU A 307 -5.33 -24.93 9.74
N LEU A 308 -5.41 -24.50 10.99
CA LEU A 308 -4.23 -24.38 11.86
C LEU A 308 -3.93 -25.66 12.62
N GLY A 309 -4.70 -26.73 12.39
CA GLY A 309 -4.37 -28.03 12.93
C GLY A 309 -4.82 -28.31 14.35
N PHE A 310 -5.71 -27.50 14.92
CA PHE A 310 -6.18 -27.73 16.27
C PHE A 310 -7.26 -28.79 16.37
N CYS A 311 -7.93 -29.10 15.25
CA CYS A 311 -8.91 -30.18 15.20
C CYS A 311 -9.00 -30.62 13.74
N ALA A 312 -9.74 -31.72 13.51
CA ALA A 312 -9.90 -32.28 12.19
C ALA A 312 -10.86 -31.44 11.33
N ARG A 313 -10.75 -31.60 10.01
CA ARG A 313 -11.68 -30.94 9.09
C ARG A 313 -13.12 -31.23 9.47
N GLY A 314 -13.93 -30.18 9.53
CA GLY A 314 -15.35 -30.27 9.87
C GLY A 314 -15.66 -30.49 11.33
N GLU A 315 -14.67 -30.59 12.21
CA GLU A 315 -14.90 -30.86 13.61
C GLU A 315 -14.66 -29.66 14.54
N ALA A 316 -14.47 -28.46 14.00
CA ALA A 316 -14.36 -27.29 14.86
C ALA A 316 -15.58 -27.13 15.74
N LYS A 317 -16.76 -27.46 15.24
CA LYS A 317 -17.97 -27.33 16.06
C LYS A 317 -17.86 -28.17 17.31
N ASP A 318 -17.22 -29.33 17.19
CA ASP A 318 -17.05 -30.23 18.34
C ASP A 318 -15.96 -29.72 19.28
N PHE A 319 -14.85 -29.24 18.72
CA PHE A 319 -13.79 -28.63 19.51
C PHE A 319 -14.32 -27.48 20.35
N ILE A 320 -15.19 -26.66 19.78
CA ILE A 320 -15.74 -25.50 20.50
C ILE A 320 -16.77 -25.95 21.53
N ALA A 321 -17.68 -26.84 21.15
CA ALA A 321 -18.70 -27.30 22.08
C ALA A 321 -18.11 -27.97 23.32
N ASP A 322 -16.94 -28.59 23.18
CA ASP A 322 -16.23 -29.23 24.29
C ASP A 322 -15.56 -28.25 25.25
N GLY A 323 -15.61 -26.94 24.97
CA GLY A 323 -15.11 -25.94 25.89
C GLY A 323 -13.65 -25.56 25.72
N ASN A 324 -13.05 -25.88 24.58
CA ASN A 324 -11.62 -25.71 24.42
C ASN A 324 -11.21 -24.26 24.22
N LEU A 325 -12.15 -23.38 23.87
CA LEU A 325 -11.81 -21.98 23.73
C LEU A 325 -11.87 -21.22 25.04
N GLU A 326 -12.34 -21.85 26.11
CA GLU A 326 -12.48 -21.22 27.41
C GLU A 326 -11.12 -21.05 28.07
N ILE A 327 -11.07 -20.14 29.06
CA ILE A 327 -9.83 -19.86 29.79
C ILE A 327 -9.24 -21.14 30.38
N GLY A 328 -10.09 -22.03 30.86
CA GLY A 328 -9.58 -23.28 31.40
C GLY A 328 -9.42 -24.41 30.40
N GLY A 329 -9.68 -24.17 29.12
CA GLY A 329 -9.62 -25.22 28.12
C GLY A 329 -8.25 -25.34 27.47
N ARG A 330 -8.19 -26.22 26.46
CA ARG A 330 -6.92 -26.50 25.81
C ARG A 330 -6.40 -25.30 25.04
N LEU A 331 -7.29 -24.47 24.50
CA LEU A 331 -6.87 -23.37 23.62
C LEU A 331 -7.66 -22.12 23.97
N PRO A 332 -7.33 -21.50 25.10
CA PRO A 332 -7.95 -20.23 25.48
C PRO A 332 -7.88 -19.26 24.31
N CYS A 333 -9.02 -18.66 23.99
CA CYS A 333 -9.15 -17.92 22.73
C CYS A 333 -9.73 -16.55 22.98
N ASN A 334 -9.17 -15.55 22.30
CA ASN A 334 -9.73 -14.21 22.28
C ASN A 334 -10.01 -13.73 23.69
N THR A 335 -8.98 -13.82 24.53
CA THR A 335 -9.07 -13.45 25.94
C THR A 335 -9.36 -11.96 26.17
N HIS A 336 -9.18 -11.12 25.14
CA HIS A 336 -9.60 -9.72 25.21
C HIS A 336 -11.06 -9.52 24.82
N GLY A 337 -11.68 -10.51 24.20
CA GLY A 337 -13.04 -10.38 23.69
C GLY A 337 -13.13 -10.37 22.19
N GLY A 338 -12.00 -10.35 21.49
CA GLY A 338 -11.97 -10.39 20.03
C GLY A 338 -12.36 -9.08 19.38
N GLN A 339 -12.39 -9.12 18.03
CA GLN A 339 -12.94 -7.99 17.30
C GLN A 339 -14.41 -7.82 17.65
N LEU A 340 -15.08 -8.93 17.95
CA LEU A 340 -16.53 -8.93 18.20
C LEU A 340 -16.87 -8.29 19.54
N GLY A 341 -16.04 -8.51 20.56
CA GLY A 341 -16.31 -8.10 21.93
C GLY A 341 -15.51 -6.91 22.43
N GLU A 342 -14.26 -6.75 21.99
CA GLU A 342 -13.44 -5.62 22.45
C GLU A 342 -13.61 -4.44 21.50
N ALA A 343 -13.17 -4.60 20.25
CA ALA A 343 -13.14 -3.50 19.31
C ALA A 343 -12.66 -4.03 17.97
N TYR A 344 -13.15 -3.42 16.90
CA TYR A 344 -12.76 -3.78 15.52
C TYR A 344 -11.68 -2.82 15.06
N ILE A 345 -10.43 -3.09 15.44
CA ILE A 345 -9.30 -2.33 14.94
C ILE A 345 -8.57 -3.19 13.89
N HIS A 346 -9.36 -3.83 13.04
CA HIS A 346 -8.88 -4.66 11.93
C HIS A 346 -7.72 -5.55 12.38
N GLY A 347 -7.88 -6.19 13.56
CA GLY A 347 -6.99 -7.22 14.05
C GLY A 347 -5.83 -6.74 14.88
N MET A 348 -5.49 -5.45 14.78
CA MET A 348 -4.29 -4.96 15.46
C MET A 348 -4.38 -5.07 16.96
N ASN A 349 -5.58 -4.81 17.53
CA ASN A 349 -5.74 -4.95 18.96
C ASN A 349 -5.63 -6.41 19.42
N GLY A 350 -5.85 -7.36 18.52
CA GLY A 350 -5.62 -8.75 18.88
C GLY A 350 -4.15 -9.08 19.02
N ILE A 351 -3.30 -8.48 18.19
CA ILE A 351 -1.86 -8.68 18.37
C ILE A 351 -1.44 -8.14 19.74
N ALA A 352 -1.98 -6.99 20.14
CA ALA A 352 -1.65 -6.46 21.46
C ALA A 352 -2.03 -7.43 22.56
N GLU A 353 -3.21 -8.05 22.46
CA GLU A 353 -3.62 -9.02 23.48
C GLU A 353 -2.67 -10.20 23.53
N ALA A 354 -2.21 -10.67 22.36
CA ALA A 354 -1.24 -11.75 22.33
C ALA A 354 0.03 -11.36 23.07
N VAL A 355 0.46 -10.11 22.91
CA VAL A 355 1.62 -9.62 23.63
C VAL A 355 1.37 -9.68 25.14
N ARG A 356 0.19 -9.23 25.57
CA ARG A 356 -0.11 -9.30 27.00
C ARG A 356 -0.07 -10.73 27.51
N LEU A 357 -0.62 -11.67 26.73
CA LEU A 357 -0.61 -13.06 27.16
C LEU A 357 0.82 -13.56 27.38
N VAL A 358 1.74 -13.20 26.45
CA VAL A 358 3.14 -13.59 26.62
C VAL A 358 3.74 -12.92 27.84
N ARG A 359 3.44 -11.64 28.05
CA ARG A 359 3.92 -10.90 29.22
C ARG A 359 3.32 -11.42 30.51
N GLY A 360 2.15 -12.05 30.46
CA GLY A 360 1.41 -12.42 31.66
C GLY A 360 0.43 -11.37 32.13
N THR A 361 0.11 -10.38 31.30
CA THR A 361 -0.62 -9.20 31.74
C THR A 361 -2.02 -9.09 31.12
N SER A 362 -2.54 -10.16 30.54
CA SER A 362 -3.91 -10.12 30.06
C SER A 362 -4.90 -9.99 31.22
N VAL A 363 -5.98 -9.23 30.99
CA VAL A 363 -7.06 -9.15 31.98
C VAL A 363 -7.73 -10.50 32.20
N ASN A 364 -7.60 -11.43 31.24
CA ASN A 364 -8.09 -12.79 31.38
C ASN A 364 -6.95 -13.78 31.17
N GLN A 365 -5.83 -13.52 31.82
CA GLN A 365 -4.66 -14.39 31.70
C GLN A 365 -5.02 -15.83 32.08
N PRO A 366 -4.88 -16.80 31.17
CA PRO A 366 -5.19 -18.21 31.46
C PRO A 366 -4.00 -18.95 32.06
N GLY A 367 -3.36 -18.33 33.04
CA GLY A 367 -2.12 -18.87 33.55
C GLY A 367 -0.96 -18.52 32.64
N ASP A 368 0.16 -19.21 32.87
CA ASP A 368 1.37 -18.99 32.07
CA ASP A 368 1.36 -18.99 32.07
C ASP A 368 1.13 -19.46 30.64
N VAL A 369 1.48 -18.63 29.67
CA VAL A 369 1.31 -18.98 28.27
C VAL A 369 2.65 -18.77 27.57
N THR A 370 3.19 -19.84 26.99
CA THR A 370 4.49 -19.74 26.35
C THR A 370 4.37 -19.20 24.94
N ASN A 371 3.48 -19.79 24.14
CA ASN A 371 3.35 -19.47 22.71
C ASN A 371 1.90 -19.14 22.38
N VAL A 372 1.70 -18.03 21.66
CA VAL A 372 0.37 -17.56 21.28
C VAL A 372 0.32 -17.43 19.77
N LEU A 373 -0.70 -18.00 19.16
CA LEU A 373 -0.89 -17.88 17.72
C LEU A 373 -1.94 -16.81 17.45
N VAL A 374 -1.63 -15.88 16.56
CA VAL A 374 -2.52 -14.78 16.20
C VAL A 374 -2.79 -14.84 14.71
N THR A 375 -4.05 -14.72 14.31
CA THR A 375 -4.40 -14.62 12.89
C THR A 375 -4.91 -13.24 12.54
N ALA A 376 -4.82 -12.93 11.25
CA ALA A 376 -5.36 -11.69 10.70
C ALA A 376 -6.65 -11.97 9.92
N GLY A 377 -7.04 -11.01 9.07
CA GLY A 377 -8.38 -11.02 8.51
C GLY A 377 -8.65 -12.25 7.65
N THR A 378 -9.91 -12.72 7.70
CA THR A 378 -10.32 -13.92 7.00
C THR A 378 -11.17 -13.58 5.78
N GLY A 379 -11.00 -14.40 4.73
CA GLY A 379 -11.60 -14.15 3.45
C GLY A 379 -10.76 -13.35 2.50
N VAL A 380 -9.60 -12.89 2.96
CA VAL A 380 -8.69 -12.05 2.17
C VAL A 380 -7.30 -12.66 2.27
N PRO A 381 -6.40 -12.25 1.38
CA PRO A 381 -4.98 -12.48 1.67
C PRO A 381 -4.69 -12.07 3.10
N THR A 382 -4.00 -12.93 3.82
CA THR A 382 -3.99 -12.83 5.26
C THR A 382 -2.58 -13.06 5.79
N SER A 383 -2.50 -13.21 7.10
CA SER A 383 -1.22 -13.29 7.81
C SER A 383 -1.44 -13.85 9.20
N GLY A 384 -0.33 -14.19 9.86
CA GLY A 384 -0.38 -14.74 11.21
C GLY A 384 0.94 -14.52 11.91
N LEU A 385 0.90 -14.71 13.23
CA LEU A 385 2.11 -14.67 14.04
C LEU A 385 2.07 -15.81 15.02
N ILE A 386 3.26 -16.28 15.43
CA ILE A 386 3.40 -16.94 16.72
C ILE A 386 4.31 -16.04 17.55
N LEU A 387 3.78 -15.54 18.66
CA LEU A 387 4.54 -14.79 19.65
C LEU A 387 4.84 -15.71 20.82
N GLY A 388 6.07 -15.62 21.35
CA GLY A 388 6.51 -16.53 22.38
C GLY A 388 7.36 -15.89 23.45
N ALA A 389 7.34 -16.51 24.62
CA ALA A 389 8.26 -16.12 25.67
C ALA A 389 9.70 -16.25 25.17
N ASP A 390 10.57 -15.44 25.76
CA ASP A 390 11.97 -15.44 25.36
C ASP A 390 12.57 -16.81 25.65
N ARG A 391 13.26 -17.39 24.65
CA ARG A 391 13.81 -18.74 24.75
C ARG A 391 15.23 -18.73 25.26
N LYS A 392 15.53 -17.87 26.23
CA LYS A 392 16.84 -17.93 26.86
C LYS A 392 16.96 -19.25 27.59
N LEU A 393 18.08 -19.47 28.27
CA LEU A 393 18.47 -20.79 28.73
C LEU A 393 18.68 -21.74 27.56
N ARG A 394 18.94 -21.17 26.39
CA ARG A 394 19.86 -21.73 25.42
C ARG A 394 20.85 -20.65 24.95
N MET B 1 -28.01 1.57 -10.84
CA MET B 1 -26.58 1.29 -10.67
C MET B 1 -25.97 0.82 -12.00
N ARG B 2 -24.72 1.22 -12.23
CA ARG B 2 -23.98 0.80 -13.40
C ARG B 2 -22.82 -0.07 -12.92
N PRO B 3 -22.67 -1.31 -13.41
CA PRO B 3 -21.58 -2.15 -12.92
C PRO B 3 -20.22 -1.54 -13.19
N ALA B 4 -19.23 -1.98 -12.43
CA ALA B 4 -17.84 -1.51 -12.57
C ALA B 4 -17.20 -2.20 -13.76
N ILE B 5 -17.42 -1.63 -14.96
CA ILE B 5 -17.02 -2.25 -16.21
C ILE B 5 -15.70 -1.64 -16.66
N ASN B 6 -14.76 -2.51 -17.05
CA ASN B 6 -13.54 -2.04 -17.70
C ASN B 6 -13.28 -2.94 -18.91
N ARG B 7 -12.11 -2.79 -19.54
CA ARG B 7 -11.84 -3.51 -20.78
C ARG B 7 -11.87 -5.03 -20.60
N ASP B 8 -11.62 -5.52 -19.40
CA ASP B 8 -11.47 -6.95 -19.17
C ASP B 8 -12.78 -7.64 -18.81
N ASN B 9 -13.84 -6.91 -18.46
CA ASN B 9 -15.14 -7.55 -18.21
C ASN B 9 -16.27 -7.00 -19.10
N ALA B 10 -16.01 -6.01 -19.97
CA ALA B 10 -17.07 -5.44 -20.78
C ALA B 10 -17.77 -6.49 -21.65
N PHE B 11 -17.02 -7.45 -22.17
CA PHE B 11 -17.61 -8.48 -23.05
C PHE B 11 -18.78 -9.20 -22.38
N TRP B 12 -18.68 -9.43 -21.07
CA TRP B 12 -19.67 -10.27 -20.40
C TRP B 12 -20.97 -9.52 -20.22
N PHE B 13 -20.88 -8.23 -19.89
CA PHE B 13 -22.07 -7.41 -19.76
C PHE B 13 -22.67 -7.07 -21.12
N GLU B 14 -21.84 -6.95 -22.16
CA GLU B 14 -22.38 -6.77 -23.52
C GLU B 14 -23.15 -8.02 -23.95
N ALA B 15 -22.61 -9.21 -23.68
CA ALA B 15 -23.35 -10.44 -23.96
C ALA B 15 -24.65 -10.50 -23.18
N ALA B 16 -24.60 -10.12 -21.90
CA ALA B 16 -25.80 -10.11 -21.08
C ALA B 16 -26.85 -9.18 -21.67
N LYS B 17 -26.44 -8.04 -22.20
CA LYS B 17 -27.41 -7.15 -22.85
C LYS B 17 -28.07 -7.82 -24.04
N GLN B 18 -27.38 -8.79 -24.67
N GLN B 18 -27.39 -8.78 -24.68
CA GLN B 18 -27.98 -9.57 -25.75
CA GLN B 18 -27.97 -9.57 -25.75
C GLN B 18 -28.61 -10.86 -25.23
C GLN B 18 -28.61 -10.84 -25.23
N ARG B 19 -28.80 -10.96 -23.92
CA ARG B 19 -29.39 -12.15 -23.31
C ARG B 19 -28.62 -13.41 -23.69
N ARG B 20 -27.28 -13.31 -23.63
CA ARG B 20 -26.41 -14.47 -23.71
C ARG B 20 -25.57 -14.50 -22.44
N LEU B 21 -25.63 -15.62 -21.71
CA LEU B 21 -24.74 -15.82 -20.56
C LEU B 21 -23.51 -16.52 -21.09
N VAL B 22 -22.34 -15.89 -20.92
CA VAL B 22 -21.13 -16.44 -21.50
C VAL B 22 -20.09 -16.70 -20.41
N ILE B 23 -19.12 -17.53 -20.79
CA ILE B 23 -17.97 -17.88 -19.96
C ILE B 23 -16.72 -17.64 -20.80
N GLN B 24 -15.77 -16.91 -20.25
CA GLN B 24 -14.51 -16.71 -20.94
C GLN B 24 -13.70 -18.00 -21.07
N ARG B 25 -13.00 -18.13 -22.20
CA ARG B 25 -12.25 -19.33 -22.50
C ARG B 25 -10.93 -18.97 -23.19
N CYS B 26 -9.86 -19.64 -22.77
CA CYS B 26 -8.58 -19.51 -23.46
C CYS B 26 -8.70 -20.06 -24.89
N ALA B 27 -8.38 -19.23 -25.86
CA ALA B 27 -8.45 -19.68 -27.24
C ALA B 27 -7.36 -20.72 -27.56
N ALA B 28 -6.28 -20.76 -26.78
CA ALA B 28 -5.17 -21.69 -27.04
C ALA B 28 -5.42 -23.07 -26.43
N CYS B 29 -5.65 -23.12 -25.13
CA CYS B 29 -5.82 -24.40 -24.45
C CYS B 29 -7.27 -24.73 -24.12
N LYS B 30 -8.21 -23.82 -24.41
CA LYS B 30 -9.65 -24.01 -24.25
C LYS B 30 -10.10 -24.14 -22.80
N THR B 31 -9.25 -23.78 -21.84
CA THR B 31 -9.68 -23.81 -20.45
C THR B 31 -10.58 -22.61 -20.13
N LEU B 32 -11.71 -22.88 -19.48
CA LEU B 32 -12.64 -21.81 -19.07
C LEU B 32 -12.08 -21.06 -17.89
N ARG B 33 -12.50 -19.81 -17.75
CA ARG B 33 -12.15 -19.05 -16.56
C ARG B 33 -13.24 -18.06 -16.22
N HIS B 34 -13.60 -18.02 -14.95
CA HIS B 34 -14.53 -17.04 -14.40
C HIS B 34 -14.28 -16.87 -12.92
N PRO B 35 -14.17 -15.63 -12.41
CA PRO B 35 -14.32 -14.36 -13.13
C PRO B 35 -13.26 -14.18 -14.20
N PRO B 36 -13.54 -13.34 -15.18
CA PRO B 36 -12.66 -13.24 -16.34
C PRO B 36 -11.41 -12.42 -16.08
N GLY B 37 -10.50 -12.49 -17.05
CA GLY B 37 -9.30 -11.68 -17.03
C GLY B 37 -8.52 -11.85 -18.31
N PRO B 38 -7.52 -11.00 -18.53
CA PRO B 38 -6.92 -10.90 -19.88
C PRO B 38 -6.00 -12.06 -20.27
N CYS B 39 -5.65 -12.93 -19.32
N CYS B 39 -5.52 -12.90 -19.35
CA CYS B 39 -4.61 -13.93 -19.51
CA CYS B 39 -4.70 -14.01 -19.82
C CYS B 39 -5.12 -15.31 -19.08
C CYS B 39 -5.05 -15.29 -19.09
N CYS B 40 -4.54 -16.36 -19.66
CA CYS B 40 -4.83 -17.71 -19.22
C CYS B 40 -3.82 -18.16 -18.18
N PRO B 41 -4.24 -18.53 -16.97
CA PRO B 41 -3.26 -18.95 -15.95
C PRO B 41 -2.70 -20.34 -16.21
N HIS B 42 -3.25 -21.08 -17.15
CA HIS B 42 -2.78 -22.44 -17.42
C HIS B 42 -1.66 -22.46 -18.46
N CYS B 43 -1.76 -21.64 -19.51
CA CYS B 43 -0.79 -21.68 -20.60
C CYS B 43 -0.18 -20.32 -20.92
N GLY B 44 -0.69 -19.23 -20.33
CA GLY B 44 -0.13 -17.91 -20.51
C GLY B 44 -0.61 -17.15 -21.72
N SER B 45 -1.52 -17.72 -22.51
CA SER B 45 -2.01 -17.05 -23.71
C SER B 45 -2.86 -15.85 -23.34
N PHE B 46 -2.75 -14.78 -24.14
CA PHE B 46 -3.64 -13.63 -24.03
C PHE B 46 -4.76 -13.68 -25.06
N ASP B 47 -4.87 -14.77 -25.81
N ASP B 47 -4.87 -14.77 -25.82
CA ASP B 47 -5.93 -14.94 -26.78
CA ASP B 47 -5.94 -14.94 -26.80
C ASP B 47 -7.09 -15.68 -26.11
C ASP B 47 -7.08 -15.68 -26.14
N TRP B 48 -8.29 -15.12 -26.24
CA TRP B 48 -9.43 -15.73 -25.60
C TRP B 48 -10.67 -15.52 -26.44
N ASP B 49 -11.66 -16.38 -26.19
CA ASP B 49 -12.99 -16.25 -26.78
C ASP B 49 -13.98 -16.58 -25.67
N THR B 50 -15.21 -16.88 -26.04
CA THR B 50 -16.23 -17.17 -25.04
C THR B 50 -17.00 -18.41 -25.49
N VAL B 51 -17.60 -19.09 -24.52
CA VAL B 51 -18.63 -20.07 -24.82
C VAL B 51 -19.93 -19.60 -24.19
N GLU B 52 -21.06 -19.87 -24.83
CA GLU B 52 -22.35 -19.57 -24.22
C GLU B 52 -22.74 -20.71 -23.29
N ALA B 53 -23.11 -20.36 -22.06
CA ALA B 53 -23.56 -21.37 -21.11
C ALA B 53 -24.85 -22.02 -21.59
N ALA B 54 -25.02 -23.29 -21.21
CA ALA B 54 -26.26 -23.99 -21.46
C ALA B 54 -27.45 -23.35 -20.75
N GLY B 55 -27.20 -22.65 -19.65
CA GLY B 55 -28.26 -22.04 -18.87
C GLY B 55 -28.75 -22.86 -17.70
N THR B 56 -28.07 -23.94 -17.39
CA THR B 56 -28.42 -24.85 -16.32
C THR B 56 -27.33 -24.80 -15.24
N GLY B 57 -27.73 -25.06 -14.01
CA GLY B 57 -26.79 -25.18 -12.94
C GLY B 57 -27.48 -25.64 -11.68
N GLN B 58 -26.73 -25.58 -10.57
CA GLN B 58 -27.20 -25.97 -9.26
C GLN B 58 -26.85 -24.89 -8.24
N VAL B 59 -27.68 -24.76 -7.22
CA VAL B 59 -27.37 -23.90 -6.08
C VAL B 59 -26.19 -24.52 -5.33
N TYR B 60 -25.02 -23.86 -5.40
CA TYR B 60 -23.85 -24.35 -4.69
C TYR B 60 -23.77 -23.74 -3.29
N SER B 61 -24.08 -22.45 -3.19
CA SER B 61 -24.34 -21.84 -1.90
C SER B 61 -25.31 -20.70 -2.13
N TYR B 62 -25.77 -20.09 -1.05
CA TYR B 62 -26.63 -18.92 -1.16
C TYR B 62 -26.65 -18.18 0.16
N ILE B 63 -27.11 -16.93 0.09
CA ILE B 63 -27.35 -16.09 1.26
C ILE B 63 -28.75 -15.50 1.13
N VAL B 64 -29.33 -15.20 2.28
CA VAL B 64 -30.64 -14.57 2.34
C VAL B 64 -30.47 -13.27 3.11
N ALA B 65 -30.54 -12.14 2.41
CA ALA B 65 -30.31 -10.83 3.00
C ALA B 65 -31.61 -10.33 3.63
N HIS B 66 -31.58 -10.08 4.94
CA HIS B 66 -32.75 -9.63 5.69
C HIS B 66 -32.66 -8.19 6.12
N HIS B 67 -31.47 -7.76 6.51
CA HIS B 67 -31.28 -6.46 7.11
C HIS B 67 -29.81 -6.11 6.97
N PRO B 68 -29.46 -4.85 6.66
CA PRO B 68 -30.35 -3.70 6.50
C PRO B 68 -30.97 -3.67 5.10
N PRO B 69 -31.97 -2.82 4.92
CA PRO B 69 -32.65 -2.73 3.63
C PRO B 69 -31.69 -2.32 2.52
N HIS B 70 -31.86 -2.95 1.37
CA HIS B 70 -31.22 -2.59 0.11
C HIS B 70 -32.23 -1.79 -0.71
N PRO B 71 -31.87 -0.64 -1.28
CA PRO B 71 -32.87 0.15 -2.03
C PRO B 71 -33.44 -0.55 -3.25
N ALA B 72 -32.61 -1.25 -4.02
CA ALA B 72 -33.05 -1.82 -5.28
C ALA B 72 -33.80 -3.14 -5.12
N PHE B 73 -34.00 -3.62 -3.90
CA PHE B 73 -34.60 -4.92 -3.71
C PHE B 73 -35.68 -4.90 -2.64
N GLU B 74 -36.69 -5.72 -2.83
N GLU B 74 -36.73 -5.67 -2.86
CA GLU B 74 -37.64 -6.03 -1.75
CA GLU B 74 -37.62 -6.04 -1.76
C GLU B 74 -37.00 -7.05 -0.81
C GLU B 74 -36.87 -6.97 -0.81
N MET B 75 -37.05 -6.76 0.49
CA MET B 75 -36.41 -7.60 1.49
C MET B 75 -37.37 -8.68 1.97
N PRO B 76 -36.88 -9.89 2.26
CA PRO B 76 -35.51 -10.35 2.03
C PRO B 76 -35.28 -10.72 0.57
N TYR B 77 -34.02 -10.84 0.15
CA TYR B 77 -33.72 -11.28 -1.18
C TYR B 77 -32.57 -12.28 -1.11
N VAL B 78 -32.41 -13.02 -2.20
CA VAL B 78 -31.47 -14.14 -2.25
C VAL B 78 -30.41 -13.89 -3.29
N VAL B 79 -29.16 -14.08 -2.90
CA VAL B 79 -28.05 -14.18 -3.84
C VAL B 79 -27.53 -15.61 -3.76
N ALA B 80 -27.43 -16.26 -4.91
CA ALA B 80 -26.90 -17.60 -4.99
C ALA B 80 -25.53 -17.63 -5.64
N LEU B 81 -24.73 -18.57 -5.18
CA LEU B 81 -23.54 -19.01 -5.87
C LEU B 81 -23.96 -20.24 -6.68
N VAL B 82 -24.10 -20.07 -7.98
CA VAL B 82 -24.59 -21.12 -8.87
C VAL B 82 -23.40 -21.80 -9.51
N GLU B 83 -23.39 -23.13 -9.43
CA GLU B 83 -22.39 -23.91 -10.15
C GLU B 83 -22.99 -24.32 -11.48
N LEU B 84 -22.46 -23.76 -12.56
CA LEU B 84 -22.97 -24.04 -13.89
C LEU B 84 -22.59 -25.45 -14.33
N THR B 85 -23.40 -26.01 -15.22
CA THR B 85 -23.08 -27.33 -15.74
C THR B 85 -21.68 -27.39 -16.34
N GLU B 86 -21.21 -26.28 -16.92
CA GLU B 86 -19.88 -26.24 -17.53
C GLU B 86 -18.76 -26.34 -16.51
N GLY B 87 -19.04 -26.13 -15.22
CA GLY B 87 -18.09 -26.35 -14.15
C GLY B 87 -17.59 -25.09 -13.49
N THR B 88 -17.81 -23.93 -14.08
CA THR B 88 -17.52 -22.68 -13.42
C THR B 88 -18.68 -22.30 -12.50
N ARG B 89 -18.47 -21.28 -11.66
CA ARG B 89 -19.52 -20.77 -10.80
C ARG B 89 -19.77 -19.30 -11.09
N LEU B 90 -20.95 -18.85 -10.65
CA LEU B 90 -21.43 -17.51 -10.94
C LEU B 90 -22.29 -17.01 -9.78
N VAL B 91 -22.01 -15.81 -9.28
CA VAL B 91 -22.86 -15.14 -8.30
C VAL B 91 -23.98 -14.44 -9.06
N THR B 92 -25.22 -14.68 -8.65
CA THR B 92 -26.38 -14.03 -9.25
CA THR B 92 -26.35 -13.97 -9.21
C THR B 92 -27.53 -14.09 -8.26
N ASN B 93 -28.61 -13.41 -8.60
CA ASN B 93 -29.79 -13.52 -7.77
C ASN B 93 -30.54 -14.81 -8.09
N LEU B 94 -31.25 -15.32 -7.09
CA LEU B 94 -32.12 -16.48 -7.23
C LEU B 94 -33.53 -15.99 -6.98
N VAL B 95 -34.37 -16.02 -8.00
CA VAL B 95 -35.72 -15.48 -7.93
C VAL B 95 -36.71 -16.62 -7.99
N GLY B 96 -37.95 -16.35 -7.60
CA GLY B 96 -38.99 -17.34 -7.77
C GLY B 96 -39.03 -18.42 -6.72
N ILE B 97 -38.43 -18.19 -5.55
CA ILE B 97 -38.48 -19.22 -4.52
C ILE B 97 -38.39 -18.59 -3.14
N ALA B 98 -39.24 -19.03 -2.24
CA ALA B 98 -39.16 -18.58 -0.85
C ALA B 98 -37.83 -19.03 -0.25
N PRO B 99 -37.16 -18.18 0.53
CA PRO B 99 -35.85 -18.57 1.07
C PRO B 99 -35.85 -19.88 1.81
N ASP B 100 -36.91 -20.16 2.59
CA ASP B 100 -36.91 -21.40 3.36
C ASP B 100 -37.07 -22.63 2.49
N LYS B 101 -37.34 -22.48 1.19
CA LYS B 101 -37.50 -23.65 0.31
C LYS B 101 -36.23 -23.98 -0.46
N ILE B 102 -35.21 -23.14 -0.38
CA ILE B 102 -33.98 -23.37 -1.11
C ILE B 102 -33.25 -24.56 -0.51
N GLU B 103 -32.75 -25.44 -1.38
CA GLU B 103 -31.88 -26.55 -0.97
C GLU B 103 -30.57 -26.48 -1.75
N ILE B 104 -29.46 -26.71 -1.05
CA ILE B 104 -28.17 -26.84 -1.72
C ILE B 104 -28.27 -27.96 -2.73
N GLY B 105 -27.73 -27.74 -3.90
CA GLY B 105 -27.76 -28.71 -4.98
C GLY B 105 -28.98 -28.66 -5.86
N MET B 106 -29.97 -27.84 -5.53
CA MET B 106 -31.21 -27.87 -6.29
C MET B 106 -30.95 -27.33 -7.69
N PRO B 107 -31.60 -27.90 -8.71
CA PRO B 107 -31.37 -27.43 -10.07
C PRO B 107 -32.04 -26.10 -10.33
N VAL B 108 -31.32 -25.25 -11.05
CA VAL B 108 -31.81 -23.92 -11.40
C VAL B 108 -31.53 -23.66 -12.88
N VAL B 109 -32.25 -22.70 -13.44
CA VAL B 109 -32.11 -22.36 -14.85
C VAL B 109 -32.11 -20.86 -15.01
N LEU B 110 -31.54 -20.45 -16.14
CA LEU B 110 -31.26 -19.05 -16.41
C LEU B 110 -32.54 -18.32 -16.76
N ASP B 111 -32.63 -17.09 -16.25
CA ASP B 111 -33.65 -16.14 -16.64
C ASP B 111 -32.94 -14.81 -16.77
N TRP B 112 -33.64 -13.80 -17.28
CA TRP B 112 -33.04 -12.49 -17.51
C TRP B 112 -33.81 -11.39 -16.81
N LEU B 113 -33.08 -10.50 -16.17
CA LEU B 113 -33.60 -9.38 -15.41
C LEU B 113 -33.18 -8.08 -16.08
N GLU B 114 -34.14 -7.21 -16.36
CA GLU B 114 -33.81 -5.85 -16.79
C GLU B 114 -33.73 -5.00 -15.54
N ALA B 115 -32.51 -4.92 -14.97
CA ALA B 115 -32.30 -4.13 -13.76
C ALA B 115 -32.65 -2.67 -13.99
N ASP B 116 -32.44 -2.18 -15.20
CA ASP B 116 -32.90 -0.86 -15.61
C ASP B 116 -32.86 -0.80 -17.12
N PRO B 117 -33.40 0.25 -17.73
CA PRO B 117 -33.36 0.36 -19.20
C PRO B 117 -31.96 0.15 -19.79
N GLU B 118 -30.92 0.31 -18.98
CA GLU B 118 -29.55 0.23 -19.47
C GLU B 118 -28.85 -1.09 -19.14
N LEU B 119 -29.36 -1.87 -18.19
CA LEU B 119 -28.64 -3.02 -17.67
C LEU B 119 -29.53 -4.26 -17.63
N THR B 120 -29.17 -5.29 -18.39
CA THR B 120 -29.80 -6.60 -18.34
C THR B 120 -28.83 -7.56 -17.66
N LEU B 121 -29.35 -8.37 -16.72
CA LEU B 121 -28.50 -9.24 -15.92
C LEU B 121 -29.03 -10.66 -15.95
N PRO B 122 -28.15 -11.65 -15.93
CA PRO B 122 -28.63 -13.03 -15.77
C PRO B 122 -29.01 -13.27 -14.32
N VAL B 123 -30.12 -13.95 -14.15
CA VAL B 123 -30.52 -14.43 -12.83
CA VAL B 123 -30.63 -14.40 -12.85
C VAL B 123 -30.96 -15.87 -13.01
N PHE B 124 -31.11 -16.56 -11.91
CA PHE B 124 -31.54 -17.95 -11.95
C PHE B 124 -32.85 -18.13 -11.18
N ARG B 125 -33.67 -19.05 -11.67
CA ARG B 125 -34.92 -19.45 -11.05
C ARG B 125 -34.89 -20.97 -10.91
N PRO B 126 -35.66 -21.52 -9.96
CA PRO B 126 -35.68 -22.98 -9.78
C PRO B 126 -36.15 -23.67 -11.05
N ALA B 127 -35.52 -24.81 -11.36
CA ALA B 127 -35.97 -25.60 -12.49
C ALA B 127 -37.39 -26.09 -12.27
N VAL B 128 -37.77 -26.30 -11.00
CA VAL B 128 -39.13 -26.69 -10.64
C VAL B 128 -39.87 -25.46 -10.19
N PRO B 129 -40.93 -25.04 -10.87
CA PRO B 129 -41.67 -23.85 -10.45
C PRO B 129 -42.25 -24.00 -9.06
N GLN B 130 -42.15 -22.91 -8.31
CA GLN B 130 -42.70 -22.82 -6.97
C GLN B 130 -44.09 -22.23 -7.10
N GLU B 131 -45.10 -23.00 -6.73
CA GLU B 131 -46.48 -22.52 -6.80
C GLU B 131 -47.03 -22.33 -5.40
N SER C 2 20.42 -13.83 7.92
CA SER C 2 19.66 -12.83 7.19
C SER C 2 20.55 -11.66 6.79
N VAL C 3 21.71 -11.98 6.22
CA VAL C 3 22.55 -10.95 5.64
C VAL C 3 21.89 -10.44 4.36
N LEU C 4 21.80 -9.13 4.23
CA LEU C 4 21.02 -8.62 3.09
C LEU C 4 21.89 -8.30 1.88
N PRO C 5 22.97 -7.52 2.02
CA PRO C 5 23.74 -7.14 0.81
C PRO C 5 24.31 -8.34 0.10
N GLY C 6 24.00 -8.44 -1.20
CA GLY C 6 24.48 -9.51 -2.06
C GLY C 6 23.71 -10.80 -1.96
N ALA C 7 22.72 -10.88 -1.08
CA ALA C 7 21.98 -12.12 -0.87
C ALA C 7 21.01 -12.41 -2.01
N ALA C 8 20.51 -11.36 -2.64
CA ALA C 8 19.50 -11.49 -3.69
C ALA C 8 19.99 -10.83 -4.96
N ALA C 9 19.38 -11.20 -6.08
CA ALA C 9 19.76 -10.66 -7.38
C ALA C 9 18.54 -10.55 -8.26
N ILE C 10 18.58 -9.59 -9.19
CA ILE C 10 17.60 -9.52 -10.27
C ILE C 10 18.03 -10.46 -11.40
N ALA C 11 17.18 -11.44 -11.68
CA ALA C 11 17.44 -12.43 -12.72
C ALA C 11 16.58 -12.25 -13.95
N GLY C 12 15.49 -11.50 -13.85
CA GLY C 12 14.63 -11.28 -15.00
C GLY C 12 14.10 -9.86 -15.05
N ILE C 13 13.99 -9.32 -16.26
CA ILE C 13 13.33 -8.05 -16.51
C ILE C 13 12.32 -8.29 -17.62
N GLY C 14 11.18 -7.62 -17.53
CA GLY C 14 10.14 -7.76 -18.53
C GLY C 14 9.36 -6.46 -18.64
N ALA C 15 8.99 -6.10 -19.87
CA ALA C 15 8.25 -4.87 -20.09
C ALA C 15 7.32 -5.05 -21.28
N THR C 16 6.19 -4.33 -21.23
CA THR C 16 5.41 -4.07 -22.43
C THR C 16 6.13 -3.01 -23.25
N GLU C 17 5.64 -2.75 -24.44
CA GLU C 17 6.06 -1.54 -25.11
C GLU C 17 5.63 -0.35 -24.27
N PHE C 18 6.39 0.72 -24.34
CA PHE C 18 6.03 1.98 -23.70
C PHE C 18 5.37 2.88 -24.73
N SER C 19 4.17 3.37 -24.43
CA SER C 19 3.37 3.99 -25.46
C SER C 19 2.64 5.21 -24.90
N LYS C 20 1.85 5.84 -25.78
CA LYS C 20 0.93 6.89 -25.38
C LYS C 20 -0.53 6.48 -25.41
N ASN C 21 -0.81 5.22 -25.73
CA ASN C 21 -2.15 4.67 -25.66
C ASN C 21 -2.05 3.16 -25.85
N SER C 22 -1.99 2.43 -24.75
CA SER C 22 -1.78 0.99 -24.83
C SER C 22 -2.93 0.24 -25.47
N GLY C 23 -4.12 0.83 -25.49
CA GLY C 23 -5.30 0.14 -26.03
C GLY C 23 -5.76 -1.04 -25.20
N ARG C 24 -5.24 -1.25 -23.99
CA ARG C 24 -5.64 -2.39 -23.18
C ARG C 24 -5.61 -1.99 -21.70
N SER C 25 -5.97 -2.94 -20.85
CA SER C 25 -6.15 -2.60 -19.45
C SER C 25 -4.83 -2.56 -18.69
N GLU C 26 -4.85 -1.87 -17.55
CA GLU C 26 -3.68 -1.83 -16.68
C GLU C 26 -3.31 -3.23 -16.22
N LEU C 27 -4.30 -4.04 -15.89
CA LEU C 27 -4.04 -5.42 -15.49
C LEU C 27 -3.38 -6.20 -16.61
N GLN C 28 -3.85 -6.03 -17.84
CA GLN C 28 -3.21 -6.75 -18.94
C GLN C 28 -1.75 -6.33 -19.08
N LEU C 29 -1.47 -5.04 -18.98
CA LEU C 29 -0.09 -4.58 -19.04
C LEU C 29 0.76 -5.21 -17.94
N ALA C 30 0.22 -5.22 -16.71
CA ALA C 30 0.94 -5.85 -15.61
C ALA C 30 1.22 -7.32 -15.89
N CYS C 31 0.20 -8.05 -16.33
CA CYS C 31 0.35 -9.47 -16.60
C CYS C 31 1.38 -9.72 -17.70
N GLU C 32 1.35 -8.90 -18.76
CA GLU C 32 2.32 -9.06 -19.83
C GLU C 32 3.75 -8.85 -19.33
N ALA C 33 3.97 -7.76 -18.57
CA ALA C 33 5.31 -7.47 -18.10
C ALA C 33 5.78 -8.54 -17.12
N VAL C 34 4.87 -8.97 -16.23
CA VAL C 34 5.21 -9.98 -15.23
CA VAL C 34 5.22 -9.99 -15.23
C VAL C 34 5.58 -11.30 -15.92
N LEU C 35 4.75 -11.74 -16.86
CA LEU C 35 5.08 -13.00 -17.54
C LEU C 35 6.37 -12.87 -18.35
N ALA C 36 6.59 -11.72 -18.97
CA ALA C 36 7.84 -11.51 -19.70
C ALA C 36 9.05 -11.60 -18.78
N ALA C 37 8.95 -11.03 -17.57
CA ALA C 37 10.06 -11.03 -16.63
C ALA C 37 10.34 -12.42 -16.11
N ILE C 38 9.27 -13.16 -15.80
CA ILE C 38 9.41 -14.56 -15.38
C ILE C 38 10.10 -15.39 -16.45
N ALA C 39 9.67 -15.24 -17.71
CA ALA C 39 10.31 -15.97 -18.81
C ALA C 39 11.75 -15.53 -18.99
N ASP C 40 12.02 -14.23 -18.83
CA ASP C 40 13.39 -13.73 -18.93
C ASP C 40 14.30 -14.38 -17.90
N ALA C 41 13.78 -14.68 -16.72
CA ALA C 41 14.56 -15.35 -15.69
C ALA C 41 14.64 -16.86 -15.85
N GLY C 42 14.12 -17.43 -16.93
CA GLY C 42 14.13 -18.87 -17.08
C GLY C 42 13.24 -19.62 -16.13
N LEU C 43 12.20 -18.96 -15.60
CA LEU C 43 11.33 -19.56 -14.61
C LEU C 43 9.93 -19.75 -15.18
N GLU C 44 9.07 -20.34 -14.35
CA GLU C 44 7.66 -20.52 -14.67
CA GLU C 44 7.66 -20.51 -14.67
C GLU C 44 6.82 -19.74 -13.66
N PRO C 45 5.61 -19.33 -14.04
CA PRO C 45 4.79 -18.57 -13.09
C PRO C 45 4.60 -19.26 -11.75
N SER C 46 4.42 -20.59 -11.72
CA SER C 46 4.21 -21.29 -10.45
C SER C 46 5.42 -21.23 -9.54
N ASP C 47 6.58 -20.83 -10.05
CA ASP C 47 7.75 -20.67 -9.19
C ASP C 47 7.64 -19.44 -8.30
N VAL C 48 6.82 -18.47 -8.70
CA VAL C 48 6.75 -17.20 -7.99
C VAL C 48 5.95 -17.36 -6.70
N ASP C 49 6.51 -16.85 -5.59
CA ASP C 49 5.80 -16.86 -4.32
C ASP C 49 5.73 -15.49 -3.66
N GLY C 50 6.16 -14.43 -4.34
CA GLY C 50 6.02 -13.09 -3.80
C GLY C 50 5.72 -12.09 -4.91
N LEU C 51 4.96 -11.06 -4.54
CA LEU C 51 4.66 -9.95 -5.45
C LEU C 51 4.71 -8.63 -4.69
N VAL C 52 5.33 -7.62 -5.29
CA VAL C 52 5.51 -6.31 -4.67
C VAL C 52 5.16 -5.25 -5.71
N THR C 53 4.37 -4.26 -5.30
CA THR C 53 4.07 -3.15 -6.19
C THR C 53 3.89 -1.89 -5.35
N PHE C 54 3.42 -0.83 -6.02
CA PHE C 54 3.19 0.46 -5.41
C PHE C 54 1.80 0.50 -4.81
N THR C 55 1.62 1.35 -3.79
CA THR C 55 0.31 1.49 -3.17
C THR C 55 -0.76 1.84 -4.20
N ALA C 56 -0.43 2.71 -5.16
CA ALA C 56 -1.41 3.19 -6.13
C ALA C 56 -1.66 2.25 -7.29
N ASP C 57 -0.89 1.16 -7.41
CA ASP C 57 -1.13 0.24 -8.53
C ASP C 57 -2.49 -0.44 -8.35
N THR C 58 -3.30 -0.42 -9.41
CA THR C 58 -4.65 -0.96 -9.36
C THR C 58 -4.73 -2.44 -9.67
N SER C 59 -3.64 -3.07 -10.13
CA SER C 59 -3.64 -4.49 -10.44
C SER C 59 -3.10 -5.20 -9.21
N SER C 60 -3.98 -5.50 -8.27
CA SER C 60 -3.53 -6.05 -7.01
C SER C 60 -2.84 -7.39 -7.22
N GLU C 61 -2.06 -7.77 -6.21
CA GLU C 61 -1.28 -9.00 -6.27
C GLU C 61 -2.15 -10.20 -6.59
N ILE C 62 -3.35 -10.28 -5.99
CA ILE C 62 -4.21 -11.43 -6.23
C ILE C 62 -4.70 -11.47 -7.66
N HIS C 63 -4.93 -10.30 -8.28
CA HIS C 63 -5.40 -10.31 -9.66
C HIS C 63 -4.29 -10.68 -10.61
N VAL C 64 -3.09 -10.14 -10.41
CA VAL C 64 -1.95 -10.60 -11.20
C VAL C 64 -1.75 -12.09 -11.05
N ALA C 65 -1.82 -12.58 -9.80
CA ALA C 65 -1.50 -13.98 -9.53
C ALA C 65 -2.51 -14.93 -10.18
N ARG C 66 -3.80 -14.61 -10.09
CA ARG C 66 -4.78 -15.53 -10.65
C ARG C 66 -4.84 -15.50 -12.17
N ASN C 67 -4.46 -14.38 -12.79
CA ASN C 67 -4.40 -14.29 -14.24
C ASN C 67 -3.18 -15.01 -14.80
N THR C 68 -2.01 -14.87 -14.15
CA THR C 68 -0.75 -15.37 -14.69
C THR C 68 -0.46 -16.80 -14.30
N GLY C 69 -1.18 -17.36 -13.33
CA GLY C 69 -0.87 -18.70 -12.85
C GLY C 69 0.20 -18.73 -11.79
N ILE C 70 0.55 -17.58 -11.22
CA ILE C 70 1.44 -17.54 -10.07
C ILE C 70 0.85 -18.27 -8.89
N GLY C 71 -0.48 -18.27 -8.75
CA GLY C 71 -1.10 -19.08 -7.73
C GLY C 71 -0.87 -18.51 -6.34
N GLU C 72 -0.48 -19.38 -5.41
CA GLU C 72 -0.29 -19.01 -4.02
CA GLU C 72 -0.34 -18.96 -4.03
C GLU C 72 0.83 -18.00 -3.85
N LEU C 73 0.73 -17.16 -2.83
CA LEU C 73 1.75 -16.21 -2.46
C LEU C 73 2.07 -16.32 -0.98
N LYS C 74 3.35 -16.23 -0.65
CA LYS C 74 3.83 -16.10 0.72
C LYS C 74 4.29 -14.70 1.05
N PHE C 75 4.23 -13.77 0.09
CA PHE C 75 4.76 -12.44 0.31
C PHE C 75 4.03 -11.47 -0.63
N PHE C 76 3.51 -10.40 -0.08
CA PHE C 76 2.85 -9.39 -0.90
C PHE C 76 2.79 -8.09 -0.13
N SER C 77 3.43 -7.07 -0.67
CA SER C 77 3.59 -5.80 0.04
C SER C 77 3.55 -4.66 -0.95
N ARG C 78 3.39 -3.46 -0.41
CA ARG C 78 3.38 -2.23 -1.19
C ARG C 78 4.33 -1.23 -0.57
N VAL C 79 4.80 -0.31 -1.39
CA VAL C 79 5.53 0.85 -0.93
C VAL C 79 4.84 2.07 -1.53
N GLY C 80 4.68 3.10 -0.72
CA GLY C 80 3.93 4.29 -1.11
C GLY C 80 4.80 5.39 -1.70
N TYR C 81 4.14 6.54 -1.88
CA TYR C 81 4.74 7.81 -2.35
C TYR C 81 5.16 7.75 -3.80
N GLY C 82 4.29 7.15 -4.62
CA GLY C 82 4.46 7.21 -6.05
C GLY C 82 5.80 6.62 -6.44
N GLY C 83 6.46 7.28 -7.39
CA GLY C 83 7.76 6.82 -7.90
C GLY C 83 8.86 6.74 -6.87
N GLY C 84 8.69 7.36 -5.70
CA GLY C 84 9.65 7.18 -4.63
C GLY C 84 9.84 5.74 -4.26
N ALA C 85 8.86 4.89 -4.61
CA ALA C 85 8.79 3.49 -4.21
C ALA C 85 9.60 2.56 -5.10
N ALA C 86 10.03 3.00 -6.29
CA ALA C 86 10.49 2.04 -7.28
C ALA C 86 11.59 1.13 -6.73
N CYS C 87 12.66 1.72 -6.19
CA CYS C 87 13.75 0.90 -5.66
C CYS C 87 13.34 0.19 -4.38
N GLY C 88 12.47 0.79 -3.58
CA GLY C 88 11.94 0.12 -2.41
C GLY C 88 11.22 -1.18 -2.73
N THR C 89 10.57 -1.29 -3.89
CA THR C 89 9.94 -2.58 -4.22
C THR C 89 10.99 -3.68 -4.30
N VAL C 90 12.16 -3.35 -4.86
CA VAL C 90 13.24 -4.33 -4.97
C VAL C 90 13.87 -4.59 -3.60
N GLN C 91 13.97 -3.56 -2.76
CA GLN C 91 14.40 -3.80 -1.38
C GLN C 91 13.49 -4.82 -0.71
N GLN C 92 12.18 -4.63 -0.85
CA GLN C 92 11.20 -5.56 -0.25
C GLN C 92 11.47 -6.97 -0.69
N ALA C 93 11.65 -7.14 -2.00
CA ALA C 93 11.91 -8.47 -2.56
C ALA C 93 13.19 -9.06 -1.99
N ALA C 94 14.25 -8.27 -1.93
CA ALA C 94 15.53 -8.79 -1.45
C ALA C 94 15.44 -9.18 0.01
N MET C 95 14.71 -8.39 0.80
CA MET C 95 14.51 -8.70 2.21
CA MET C 95 14.48 -8.68 2.21
C MET C 95 13.73 -9.99 2.40
N ALA C 96 12.69 -10.21 1.58
CA ALA C 96 11.94 -11.46 1.66
C ALA C 96 12.80 -12.65 1.27
N VAL C 97 13.68 -12.48 0.27
CA VAL C 97 14.59 -13.57 -0.13
C VAL C 97 15.63 -13.82 0.96
N ALA C 98 16.23 -12.74 1.47
CA ALA C 98 17.28 -12.89 2.46
C ALA C 98 16.81 -13.56 3.75
N THR C 99 15.53 -13.37 4.11
CA THR C 99 14.97 -13.93 5.34
C THR C 99 14.30 -15.27 5.13
N GLY C 100 14.23 -15.76 3.90
CA GLY C 100 13.60 -17.05 3.64
C GLY C 100 12.10 -17.00 3.54
N ILE C 101 11.52 -15.79 3.56
CA ILE C 101 10.07 -15.69 3.43
CA ILE C 101 10.07 -15.71 3.43
C ILE C 101 9.63 -16.11 2.03
N ALA C 102 10.37 -15.70 1.00
CA ALA C 102 10.01 -16.00 -0.37
C ALA C 102 11.25 -16.39 -1.15
N GLU C 103 11.06 -17.20 -2.19
CA GLU C 103 12.16 -17.60 -3.04
C GLU C 103 12.21 -16.84 -4.35
N VAL C 104 11.05 -16.44 -4.86
CA VAL C 104 10.97 -15.84 -6.18
C VAL C 104 9.93 -14.72 -6.10
N VAL C 105 10.38 -13.46 -6.21
CA VAL C 105 9.51 -12.30 -6.02
C VAL C 105 9.52 -11.48 -7.29
N VAL C 106 8.33 -11.10 -7.76
CA VAL C 106 8.22 -10.19 -8.91
C VAL C 106 7.76 -8.82 -8.41
N CYS C 107 8.51 -7.81 -8.79
CA CYS C 107 8.20 -6.41 -8.52
C CYS C 107 7.65 -5.83 -9.81
N TYR C 108 6.54 -5.12 -9.73
CA TYR C 108 5.92 -4.61 -10.96
C TYR C 108 5.23 -3.27 -10.74
N ARG C 109 5.00 -2.59 -11.87
CA ARG C 109 4.17 -1.40 -11.95
C ARG C 109 3.62 -1.32 -13.36
N ALA C 110 2.34 -1.08 -13.51
CA ALA C 110 1.77 -0.94 -14.85
C ALA C 110 0.59 0.01 -14.84
N PHE C 111 0.53 0.91 -15.82
CA PHE C 111 -0.55 1.88 -15.82
C PHE C 111 -0.75 2.44 -17.23
N ASN C 112 -1.91 3.08 -17.40
CA ASN C 112 -2.19 3.92 -18.55
C ASN C 112 -2.23 5.38 -18.12
N GLU C 113 -1.07 5.91 -17.73
CA GLU C 113 -1.10 7.26 -17.22
C GLU C 113 -1.27 8.30 -18.34
N ARG C 114 -0.85 7.99 -19.57
CA ARG C 114 -1.07 8.97 -20.63
C ARG C 114 -2.51 8.94 -21.14
N SER C 115 -3.06 7.74 -21.36
CA SER C 115 -4.37 7.60 -22.01
C SER C 115 -5.53 7.38 -21.04
N GLY C 116 -5.25 7.06 -19.78
CA GLY C 116 -6.31 6.79 -18.84
C GLY C 116 -7.03 8.05 -18.40
N VAL C 117 -8.32 7.89 -18.12
CA VAL C 117 -9.13 9.05 -17.73
C VAL C 117 -8.71 9.50 -16.35
N ARG C 118 -8.67 10.81 -16.16
CA ARG C 118 -8.05 11.39 -14.97
C ARG C 118 -9.08 11.68 -13.89
N ASP C 129 -11.08 12.71 1.07
CA ASP C 129 -11.60 12.37 2.40
C ASP C 129 -11.03 13.34 3.46
N GLN C 130 -11.14 12.97 4.73
CA GLN C 130 -10.69 13.83 5.82
C GLN C 130 -9.38 13.37 6.43
N GLY C 131 -8.63 12.51 5.75
CA GLY C 131 -7.37 12.04 6.25
C GLY C 131 -6.23 13.05 6.03
N ALA C 132 -5.07 12.71 6.57
CA ALA C 132 -3.91 13.60 6.51
C ALA C 132 -3.39 13.78 5.08
N ASP C 133 -3.41 12.71 4.28
CA ASP C 133 -2.92 12.81 2.90
C ASP C 133 -3.77 13.81 2.10
N SER C 134 -5.09 13.71 2.21
CA SER C 134 -5.96 14.65 1.51
CA SER C 134 -5.97 14.65 1.52
C SER C 134 -5.79 16.06 2.06
N ALA C 135 -5.69 16.18 3.38
CA ALA C 135 -5.59 17.50 3.99
C ALA C 135 -4.32 18.23 3.59
N ALA C 136 -3.26 17.51 3.21
CA ALA C 136 -2.01 18.18 2.85
C ALA C 136 -2.21 19.13 1.66
N TYR C 137 -3.19 18.83 0.80
CA TYR C 137 -3.47 19.66 -0.37
C TYR C 137 -4.02 21.03 0.01
N ALA C 138 -4.47 21.20 1.25
CA ALA C 138 -5.03 22.49 1.66
C ALA C 138 -4.00 23.62 1.54
N TRP C 139 -2.72 23.28 1.65
CA TRP C 139 -1.64 24.27 1.60
C TRP C 139 -1.20 24.60 0.17
N LEU C 140 -1.82 23.95 -0.82
CA LEU C 140 -1.33 24.00 -2.20
C LEU C 140 -2.41 24.45 -3.16
N LEU C 141 -3.53 23.74 -3.18
CA LEU C 141 -4.52 23.96 -4.23
C LEU C 141 -5.16 25.35 -4.15
N PRO C 142 -5.42 25.90 -2.96
CA PRO C 142 -6.08 27.23 -2.91
C PRO C 142 -5.24 28.31 -3.54
N PHE C 143 -3.93 28.09 -3.67
CA PHE C 143 -3.00 29.06 -4.22
C PHE C 143 -2.58 28.69 -5.64
N GLY C 144 -3.17 27.66 -6.22
CA GLY C 144 -2.83 27.31 -7.58
C GLY C 144 -1.51 26.61 -7.74
N LEU C 145 -0.97 26.05 -6.66
CA LEU C 145 0.25 25.25 -6.73
C LEU C 145 -0.18 23.80 -6.85
N ASN C 146 -0.64 23.43 -8.04
CA ASN C 146 -1.35 22.18 -8.16
C ASN C 146 -0.70 21.13 -9.05
N THR C 147 0.50 21.37 -9.58
CA THR C 147 1.14 20.36 -10.42
C THR C 147 2.52 19.95 -9.89
N PRO C 148 2.95 18.72 -10.21
CA PRO C 148 4.33 18.30 -9.85
C PRO C 148 5.39 19.20 -10.40
N ALA C 149 5.23 19.66 -11.65
CA ALA C 149 6.23 20.58 -12.18
C ALA C 149 6.37 21.82 -11.30
N GLN C 150 5.24 22.33 -10.77
CA GLN C 150 5.28 23.51 -9.91
C GLN C 150 5.90 23.18 -8.56
N TRP C 151 5.58 22.01 -8.00
CA TRP C 151 6.19 21.62 -6.74
C TRP C 151 7.71 21.54 -6.87
N VAL C 152 8.20 21.01 -8.00
CA VAL C 152 9.64 20.90 -8.20
C VAL C 152 10.23 22.27 -8.46
N ALA C 153 9.52 23.09 -9.23
CA ALA C 153 10.05 24.40 -9.61
C ALA C 153 10.41 25.20 -8.39
N MET C 154 9.63 25.08 -7.31
CA MET C 154 9.88 25.84 -6.09
C MET C 154 11.26 25.50 -5.52
N PHE C 155 11.65 24.22 -5.59
CA PHE C 155 13.00 23.84 -5.18
C PHE C 155 14.04 24.37 -6.15
N ALA C 156 13.79 24.18 -7.44
CA ALA C 156 14.77 24.53 -8.46
C ALA C 156 15.14 26.02 -8.39
N ARG C 157 14.14 26.88 -8.18
CA ARG C 157 14.41 28.31 -8.10
CA ARG C 157 14.41 28.31 -8.10
C ARG C 157 15.36 28.62 -6.95
N ARG C 158 15.18 27.94 -5.81
CA ARG C 158 16.06 28.19 -4.68
C ARG C 158 17.45 27.62 -4.92
N TYR C 159 17.53 26.45 -5.57
CA TYR C 159 18.84 25.90 -5.93
C TYR C 159 19.61 26.88 -6.83
N MET C 160 18.93 27.47 -7.81
CA MET C 160 19.56 28.48 -8.65
C MET C 160 20.09 29.63 -7.82
N HIS C 161 19.27 30.10 -6.88
CA HIS C 161 19.64 31.24 -6.04
C HIS C 161 20.89 30.94 -5.22
N GLU C 162 20.95 29.77 -4.61
CA GLU C 162 22.05 29.48 -3.70
C GLU C 162 23.34 29.16 -4.43
N TYR C 163 23.27 28.54 -5.60
CA TYR C 163 24.45 27.98 -6.24
C TYR C 163 24.77 28.57 -7.60
N GLY C 164 23.93 29.43 -8.14
CA GLY C 164 24.21 30.05 -9.40
C GLY C 164 23.95 29.18 -10.61
N ALA C 165 23.29 28.04 -10.43
CA ALA C 165 22.89 27.26 -11.60
C ALA C 165 21.86 28.03 -12.41
N THR C 166 21.87 27.78 -13.73
CA THR C 166 20.99 28.43 -14.68
C THR C 166 20.14 27.39 -15.39
N SER C 167 19.18 27.89 -16.18
CA SER C 167 18.33 27.02 -16.98
C SER C 167 19.14 26.16 -17.96
N GLU C 168 20.24 26.69 -18.48
CA GLU C 168 21.07 25.87 -19.37
C GLU C 168 21.73 24.72 -18.62
N ASP C 169 22.00 24.88 -17.32
CA ASP C 169 22.54 23.77 -16.55
C ASP C 169 21.51 22.66 -16.45
N PHE C 170 20.24 23.01 -16.20
CA PHE C 170 19.19 22.01 -16.21
C PHE C 170 19.03 21.42 -17.61
N GLY C 171 19.14 22.27 -18.62
CA GLY C 171 19.02 21.81 -20.00
C GLY C 171 20.03 20.74 -20.36
N ARG C 172 21.24 20.83 -19.81
CA ARG C 172 22.26 19.85 -20.17
C ARG C 172 21.83 18.45 -19.76
N VAL C 173 21.03 18.34 -18.70
CA VAL C 173 20.47 17.06 -18.30
C VAL C 173 19.50 16.56 -19.37
N ALA C 174 18.58 17.43 -19.78
CA ALA C 174 17.65 17.04 -20.83
C ALA C 174 18.40 16.63 -22.09
N VAL C 175 19.45 17.36 -22.44
CA VAL C 175 20.19 17.05 -23.67
C VAL C 175 20.84 15.67 -23.58
N VAL C 176 21.48 15.35 -22.46
CA VAL C 176 22.12 14.05 -22.38
C VAL C 176 21.09 12.94 -22.31
N ASP C 177 20.01 13.15 -21.55
CA ASP C 177 18.89 12.19 -21.56
C ASP C 177 18.45 11.89 -22.98
N ARG C 178 18.21 12.95 -23.77
CA ARG C 178 17.67 12.74 -25.10
C ARG C 178 18.71 12.18 -26.06
N LYS C 179 19.99 12.47 -25.84
CA LYS C 179 21.05 11.85 -26.63
C LYS C 179 21.03 10.34 -26.47
N HIS C 180 20.87 9.89 -25.23
CA HIS C 180 20.83 8.45 -24.97
C HIS C 180 19.53 7.83 -25.45
N ALA C 181 18.40 8.54 -25.27
CA ALA C 181 17.14 7.99 -25.78
C ALA C 181 17.17 7.86 -27.29
N ALA C 182 17.92 8.73 -27.97
CA ALA C 182 17.89 8.76 -29.42
C ALA C 182 18.40 7.47 -30.05
N THR C 183 19.25 6.72 -29.35
CA THR C 183 19.76 5.45 -29.86
C THR C 183 19.10 4.26 -29.20
N ASN C 184 17.99 4.48 -28.47
CA ASN C 184 17.27 3.43 -27.77
C ASN C 184 15.95 3.13 -28.47
N PRO C 185 15.82 2.00 -29.18
CA PRO C 185 14.57 1.73 -29.91
C PRO C 185 13.34 1.65 -29.03
N LYS C 186 13.50 1.35 -27.75
CA LYS C 186 12.36 1.29 -26.84
C LYS C 186 11.95 2.65 -26.32
N ALA C 187 12.73 3.69 -26.59
CA ALA C 187 12.43 5.02 -26.08
C ALA C 187 11.41 5.76 -26.95
N TRP C 188 10.54 6.53 -26.32
CA TRP C 188 9.59 7.33 -27.08
C TRP C 188 10.32 8.24 -28.04
N PHE C 189 11.45 8.82 -27.61
CA PHE C 189 12.19 9.79 -28.42
C PHE C 189 13.37 9.15 -29.13
N TYR C 190 13.27 7.87 -29.44
CA TYR C 190 14.17 7.22 -30.37
C TYR C 190 14.33 8.09 -31.61
N GLN C 191 15.58 8.28 -32.04
CA GLN C 191 15.92 8.99 -33.27
C GLN C 191 15.54 10.47 -33.21
N ARG C 192 15.27 11.00 -32.02
CA ARG C 192 14.79 12.38 -31.87
C ARG C 192 15.62 13.15 -30.81
N PRO C 193 16.91 13.32 -31.04
CA PRO C 193 17.74 14.08 -30.09
C PRO C 193 17.36 15.56 -30.08
N ILE C 194 17.85 16.27 -29.06
CA ILE C 194 17.65 17.70 -28.94
C ILE C 194 18.98 18.38 -28.72
N THR C 195 19.00 19.67 -29.03
CA THR C 195 20.11 20.53 -28.66
C THR C 195 19.74 21.36 -27.44
N LEU C 196 20.77 21.95 -26.84
CA LEU C 196 20.52 22.88 -25.74
C LEU C 196 19.70 24.06 -26.23
N GLU C 197 19.95 24.52 -27.46
CA GLU C 197 19.13 25.59 -28.02
C GLU C 197 17.67 25.17 -28.10
N ASP C 198 17.39 23.91 -28.47
CA ASP C 198 16.01 23.43 -28.48
C ASP C 198 15.40 23.55 -27.08
N HIS C 199 16.18 23.15 -26.07
CA HIS C 199 15.72 23.22 -24.70
C HIS C 199 15.39 24.65 -24.31
N GLN C 200 16.31 25.58 -24.59
CA GLN C 200 16.06 26.96 -24.20
C GLN C 200 14.92 27.59 -24.99
N ASN C 201 14.68 27.13 -26.22
CA ASN C 201 13.56 27.66 -27.00
C ASN C 201 12.23 27.05 -26.61
N SER C 202 12.22 25.95 -25.87
CA SER C 202 10.94 25.34 -25.56
C SER C 202 10.18 26.21 -24.57
N ARG C 203 8.86 26.13 -24.63
CA ARG C 203 8.01 27.08 -23.92
C ARG C 203 8.15 26.93 -22.41
N TRP C 204 7.88 28.01 -21.69
CA TRP C 204 7.82 27.92 -20.24
C TRP C 204 6.64 27.09 -19.79
N ILE C 205 6.87 26.18 -18.83
CA ILE C 205 5.76 25.54 -18.14
C ILE C 205 5.55 26.28 -16.84
N VAL C 206 6.54 26.24 -15.96
CA VAL C 206 6.52 26.99 -14.72
C VAL C 206 7.98 27.35 -14.45
N GLU C 207 8.28 28.65 -14.46
CA GLU C 207 9.67 29.04 -14.30
C GLU C 207 10.21 28.44 -13.00
N PRO C 208 11.42 27.87 -13.00
CA PRO C 208 12.41 27.93 -14.08
C PRO C 208 12.43 26.72 -15.01
N LEU C 209 11.29 26.05 -15.15
CA LEU C 209 11.20 24.84 -15.94
C LEU C 209 10.58 25.13 -17.31
N HIS C 210 11.30 24.75 -18.36
CA HIS C 210 10.81 24.68 -19.72
C HIS C 210 10.06 23.37 -19.96
N LEU C 211 9.36 23.32 -21.09
CA LEU C 211 8.69 22.08 -21.47
C LEU C 211 9.66 20.90 -21.51
N LEU C 212 10.86 21.11 -22.07
CA LEU C 212 11.78 20.01 -22.19
C LEU C 212 12.51 19.70 -20.88
N ASP C 213 12.18 20.38 -19.77
CA ASP C 213 12.63 19.92 -18.46
C ASP C 213 11.71 18.87 -17.86
N CYS C 214 10.58 18.59 -18.50
CA CYS C 214 9.50 17.81 -17.94
C CYS C 214 9.31 16.53 -18.74
N CYS C 215 9.15 15.41 -18.06
CA CYS C 215 8.86 14.20 -18.83
C CYS C 215 7.37 14.14 -19.19
N GLN C 216 7.04 13.33 -20.21
CA GLN C 216 5.65 13.07 -20.56
C GLN C 216 5.13 11.87 -19.78
N GLU C 217 3.81 11.74 -19.73
CA GLU C 217 3.23 10.54 -19.18
C GLU C 217 3.36 9.39 -20.17
N SER C 218 3.27 8.17 -19.65
CA SER C 218 3.40 6.96 -20.42
C SER C 218 2.30 5.98 -20.08
N ASP C 219 2.02 5.09 -21.03
CA ASP C 219 1.32 3.84 -20.79
C ASP C 219 2.32 2.69 -20.90
N GLY C 220 2.22 1.73 -19.99
CA GLY C 220 3.05 0.55 -20.11
C GLY C 220 3.22 -0.14 -18.77
N GLY C 221 3.92 -1.27 -18.82
CA GLY C 221 4.20 -2.07 -17.64
C GLY C 221 5.64 -2.49 -17.60
N GLN C 222 6.16 -2.63 -16.38
CA GLN C 222 7.53 -3.05 -16.14
C GLN C 222 7.56 -4.00 -14.94
N ALA C 223 8.31 -5.09 -15.07
CA ALA C 223 8.43 -6.05 -13.99
C ALA C 223 9.89 -6.50 -13.85
N LEU C 224 10.19 -7.01 -12.66
CA LEU C 224 11.55 -7.42 -12.29
C LEU C 224 11.45 -8.66 -11.42
N VAL C 225 12.28 -9.68 -11.69
CA VAL C 225 12.25 -10.94 -10.94
C VAL C 225 13.47 -11.00 -10.03
N VAL C 226 13.23 -11.21 -8.73
CA VAL C 226 14.28 -11.21 -7.72
C VAL C 226 14.31 -12.59 -7.08
N VAL C 227 15.52 -13.17 -7.00
CA VAL C 227 15.75 -14.48 -6.42
C VAL C 227 17.03 -14.41 -5.60
N SER C 228 17.34 -15.51 -4.91
CA SER C 228 18.62 -15.55 -4.23
C SER C 228 19.76 -15.53 -5.24
N THR C 229 20.89 -14.96 -4.82
CA THR C 229 22.05 -14.97 -5.70
C THR C 229 22.43 -16.39 -6.09
N GLU C 230 22.34 -17.33 -5.16
CA GLU C 230 22.62 -18.72 -5.49
C GLU C 230 21.72 -19.24 -6.59
N ARG C 231 20.41 -18.95 -6.50
CA ARG C 231 19.48 -19.39 -7.54
CA ARG C 231 19.50 -19.41 -7.54
C ARG C 231 19.76 -18.68 -8.86
N ALA C 232 20.10 -17.38 -8.79
CA ALA C 232 20.32 -16.60 -10.01
C ALA C 232 21.48 -17.15 -10.83
N ARG C 233 22.43 -17.81 -10.18
CA ARG C 233 23.59 -18.32 -10.91
C ARG C 233 23.22 -19.43 -11.87
N ASP C 234 22.04 -20.03 -11.70
CA ASP C 234 21.56 -21.11 -12.55
C ASP C 234 20.61 -20.63 -13.62
N LEU C 235 20.30 -19.32 -13.66
CA LEU C 235 19.32 -18.79 -14.57
C LEU C 235 20.01 -18.17 -15.79
N PRO C 236 19.24 -17.76 -16.80
CA PRO C 236 19.86 -17.54 -18.13
C PRO C 236 20.84 -16.39 -18.22
N HIS C 237 20.67 -15.33 -17.44
CA HIS C 237 21.45 -14.10 -17.61
C HIS C 237 22.49 -13.94 -16.53
N PRO C 238 23.51 -13.12 -16.76
CA PRO C 238 24.38 -12.71 -15.65
C PRO C 238 23.53 -12.15 -14.52
N PRO C 239 23.72 -12.61 -13.29
CA PRO C 239 22.93 -12.06 -12.19
C PRO C 239 23.26 -10.60 -11.92
N ALA C 240 22.24 -9.81 -11.60
CA ALA C 240 22.46 -8.42 -11.17
C ALA C 240 22.27 -8.41 -9.66
N LEU C 241 23.38 -8.54 -8.94
CA LEU C 241 23.28 -8.66 -7.49
C LEU C 241 22.82 -7.35 -6.86
N ILE C 242 22.00 -7.49 -5.83
CA ILE C 242 21.50 -6.34 -5.08
C ILE C 242 22.46 -6.12 -3.92
N TRP C 243 23.48 -5.30 -4.16
CA TRP C 243 24.51 -5.03 -3.16
C TRP C 243 24.10 -3.93 -2.21
N GLY C 244 23.20 -3.06 -2.62
CA GLY C 244 22.63 -2.07 -1.73
C GLY C 244 21.17 -1.90 -2.09
N ALA C 245 20.35 -1.69 -1.08
CA ALA C 245 18.93 -1.44 -1.30
C ALA C 245 18.41 -0.71 -0.07
N ALA C 246 17.89 0.49 -0.25
CA ALA C 246 17.60 1.36 0.86
C ALA C 246 16.43 2.27 0.57
N GLN C 247 15.74 2.61 1.64
CA GLN C 247 14.72 3.65 1.66
C GLN C 247 15.17 4.82 2.50
N GLY C 248 14.57 5.98 2.23
CA GLY C 248 14.89 7.16 3.01
C GLY C 248 13.77 8.17 3.02
N SER C 249 13.44 8.67 4.21
CA SER C 249 12.51 9.78 4.41
C SER C 249 13.15 10.73 5.41
N GLY C 250 13.19 12.01 5.09
CA GLY C 250 13.98 12.94 5.87
C GLY C 250 13.18 13.59 6.99
N TYR C 251 13.90 14.38 7.77
CA TYR C 251 13.24 15.23 8.76
CA TYR C 251 13.26 15.24 8.76
C TYR C 251 12.27 16.16 8.08
N ASP C 252 11.09 16.32 8.69
CA ASP C 252 10.00 17.16 8.21
C ASP C 252 9.73 16.89 6.73
N GLN C 253 9.50 15.62 6.42
CA GLN C 253 9.25 15.21 5.05
C GLN C 253 7.80 15.46 4.67
N HIS C 254 7.60 16.04 3.48
CA HIS C 254 6.30 16.18 2.87
C HIS C 254 6.29 15.47 1.50
N MET C 255 5.10 15.41 0.95
CA MET C 255 4.88 14.79 -0.35
CA MET C 255 4.85 14.80 -0.35
C MET C 255 5.08 15.87 -1.41
N MET C 256 6.29 15.88 -1.99
CA MET C 256 6.75 16.79 -3.06
C MET C 256 6.92 18.23 -2.60
N THR C 257 6.63 18.56 -1.34
CA THR C 257 6.58 19.96 -0.91
C THR C 257 7.23 20.19 0.46
N SER C 258 8.42 19.61 0.66
CA SER C 258 9.21 19.78 1.89
C SER C 258 9.90 21.13 1.87
N TYR C 259 9.09 22.17 2.00
CA TYR C 259 9.52 23.56 1.88
C TYR C 259 9.86 24.21 3.21
N TYR C 260 9.85 23.47 4.32
CA TYR C 260 9.88 24.07 5.66
C TYR C 260 11.13 23.71 6.43
N ARG C 261 12.04 22.97 5.80
CA ARG C 261 13.33 22.64 6.36
C ARG C 261 14.26 23.85 6.36
N SER C 262 15.30 23.77 7.19
CA SER C 262 16.29 24.85 7.23
C SER C 262 16.81 25.15 5.84
N GLU C 263 17.16 24.10 5.10
CA GLU C 263 17.59 24.22 3.72
CA GLU C 263 17.59 24.20 3.72
C GLU C 263 16.71 23.30 2.87
N ILE C 264 16.35 23.77 1.68
CA ILE C 264 15.46 23.03 0.79
C ILE C 264 16.08 22.76 -0.57
N THR C 265 17.38 23.06 -0.75
CA THR C 265 18.04 22.90 -2.04
C THR C 265 18.72 21.54 -2.21
N GLY C 266 18.92 20.78 -1.15
CA GLY C 266 19.39 19.42 -1.26
C GLY C 266 18.21 18.46 -1.30
N ILE C 267 18.52 17.19 -1.09
CA ILE C 267 17.47 16.18 -0.96
C ILE C 267 17.93 15.28 0.17
N PRO C 268 17.70 15.67 1.43
CA PRO C 268 18.32 14.94 2.54
C PRO C 268 17.91 13.49 2.57
N GLU C 269 16.67 13.20 2.19
CA GLU C 269 16.20 11.82 2.16
C GLU C 269 16.98 10.99 1.15
N MET C 270 17.47 11.60 0.07
CA MET C 270 18.31 10.85 -0.86
C MET C 270 19.72 10.69 -0.31
N GLY C 271 20.21 11.66 0.44
CA GLY C 271 21.48 11.47 1.11
C GLY C 271 21.43 10.30 2.08
N LEU C 272 20.28 10.13 2.73
CA LEU C 272 20.07 9.03 3.66
C LEU C 272 20.05 7.69 2.93
N VAL C 273 19.38 7.64 1.78
CA VAL C 273 19.47 6.46 0.94
C VAL C 273 20.93 6.16 0.58
N GLY C 274 21.66 7.16 0.11
CA GLY C 274 23.03 6.93 -0.34
C GLY C 274 23.93 6.42 0.78
N GLN C 275 23.77 6.98 1.99
CA GLN C 275 24.58 6.53 3.12
CA GLN C 275 24.60 6.53 3.11
C GLN C 275 24.42 5.04 3.35
N GLN C 276 23.18 4.56 3.31
CA GLN C 276 22.93 3.14 3.49
C GLN C 276 23.46 2.33 2.31
N LEU C 277 23.27 2.82 1.08
CA LEU C 277 23.74 2.05 -0.08
C LEU C 277 25.24 1.82 0.00
N TYR C 278 25.98 2.86 0.35
CA TYR C 278 27.43 2.72 0.40
C TYR C 278 27.85 1.84 1.57
N ALA C 279 27.18 1.96 2.71
CA ALA C 279 27.54 1.15 3.87
C ALA C 279 27.22 -0.33 3.62
N GLN C 280 26.07 -0.61 3.01
CA GLN C 280 25.67 -1.98 2.73
C GLN C 280 26.65 -2.64 1.78
N SER C 281 27.01 -1.93 0.73
CA SER C 281 27.77 -2.48 -0.38
C SER C 281 29.27 -2.47 -0.13
N GLY C 282 29.74 -1.72 0.84
CA GLY C 282 31.17 -1.56 1.03
C GLY C 282 31.84 -0.71 -0.03
N LEU C 283 31.08 0.11 -0.73
CA LEU C 283 31.56 0.90 -1.84
C LEU C 283 31.60 2.37 -1.49
N ASN C 284 32.41 3.10 -2.25
CA ASN C 284 32.43 4.55 -2.27
C ASN C 284 31.86 5.07 -3.58
N PRO C 285 31.54 6.37 -3.65
CA PRO C 285 31.10 6.92 -4.93
C PRO C 285 32.03 6.60 -6.09
N SER C 286 33.35 6.58 -5.85
CA SER C 286 34.30 6.32 -6.92
C SER C 286 34.14 4.92 -7.51
N ASP C 287 33.51 4.00 -6.79
CA ASP C 287 33.28 2.63 -7.29
C ASP C 287 32.08 2.50 -8.20
N ILE C 288 31.28 3.55 -8.36
CA ILE C 288 30.04 3.45 -9.12
C ILE C 288 30.37 3.65 -10.61
N GLY C 289 29.97 2.66 -11.43
CA GLY C 289 30.32 2.67 -12.84
C GLY C 289 29.31 3.40 -13.70
N ALA C 290 28.10 3.58 -13.17
CA ALA C 290 27.06 4.27 -13.91
C ALA C 290 25.95 4.65 -12.93
N ALA C 291 25.18 5.67 -13.28
CA ALA C 291 24.09 6.10 -12.42
C ALA C 291 22.80 6.21 -13.21
N ILE C 292 21.71 5.65 -12.67
CA ILE C 292 20.39 5.87 -13.22
C ILE C 292 19.69 6.79 -12.23
N LEU C 293 19.58 8.06 -12.57
CA LEU C 293 19.11 9.08 -11.65
C LEU C 293 17.73 9.55 -12.08
N TYR C 294 16.78 9.39 -11.18
CA TYR C 294 15.39 9.68 -11.45
C TYR C 294 15.23 11.12 -11.94
N ASP C 295 14.54 11.26 -13.07
CA ASP C 295 14.55 12.50 -13.84
C ASP C 295 13.20 12.77 -14.50
N HIS C 296 12.13 12.66 -13.72
CA HIS C 296 10.85 13.09 -14.27
C HIS C 296 10.85 14.60 -14.47
N PHE C 297 11.66 15.32 -13.69
CA PHE C 297 12.05 16.70 -13.95
C PHE C 297 13.56 16.86 -13.84
N THR C 298 14.15 17.67 -14.73
CA THR C 298 15.60 17.75 -14.77
C THR C 298 16.26 18.35 -13.53
N PRO C 299 15.67 19.35 -12.84
CA PRO C 299 16.51 20.11 -11.89
C PRO C 299 16.98 19.31 -10.71
N LEU C 300 16.19 18.33 -10.26
CA LEU C 300 16.60 17.59 -9.07
C LEU C 300 17.66 16.54 -9.38
N VAL C 301 18.08 16.37 -10.64
CA VAL C 301 19.25 15.54 -10.90
C VAL C 301 20.48 16.15 -10.28
N LEU C 302 20.57 17.50 -10.26
CA LEU C 302 21.78 18.14 -9.73
C LEU C 302 21.97 17.89 -8.25
N PRO C 303 21.00 18.15 -7.37
CA PRO C 303 21.23 17.82 -5.95
C PRO C 303 21.39 16.32 -5.69
N GLN C 304 20.84 15.45 -6.53
CA GLN C 304 21.09 14.01 -6.38
C GLN C 304 22.58 13.70 -6.48
N LEU C 305 23.25 14.28 -7.47
CA LEU C 305 24.68 14.02 -7.63
C LEU C 305 25.45 14.43 -6.39
N GLU C 306 25.02 15.52 -5.75
CA GLU C 306 25.68 16.02 -4.56
C GLU C 306 25.36 15.17 -3.32
N GLU C 307 24.09 14.82 -3.15
CA GLU C 307 23.68 13.97 -2.03
C GLU C 307 24.38 12.62 -2.06
N LEU C 308 24.66 12.11 -3.26
CA LEU C 308 25.29 10.80 -3.43
C LEU C 308 26.82 10.86 -3.48
N GLY C 309 27.40 12.05 -3.32
CA GLY C 309 28.83 12.17 -3.12
C GLY C 309 29.67 12.18 -4.37
N PHE C 310 29.06 12.32 -5.55
CA PHE C 310 29.82 12.38 -6.80
C PHE C 310 30.44 13.74 -7.03
N CYS C 311 29.97 14.78 -6.35
CA CYS C 311 30.59 16.10 -6.45
C CYS C 311 30.21 16.89 -5.20
N ALA C 312 30.84 18.04 -5.05
CA ALA C 312 30.63 18.90 -3.90
C ALA C 312 29.28 19.61 -3.97
N ARG C 313 28.78 20.01 -2.80
CA ARG C 313 27.57 20.81 -2.74
C ARG C 313 27.69 22.01 -3.65
N GLY C 314 26.63 22.23 -4.43
CA GLY C 314 26.53 23.33 -5.36
C GLY C 314 27.29 23.20 -6.65
N GLU C 315 28.03 22.10 -6.86
CA GLU C 315 28.90 21.98 -8.01
C GLU C 315 28.43 20.95 -9.02
N ALA C 316 27.19 20.46 -8.91
CA ALA C 316 26.70 19.53 -9.93
C ALA C 316 26.71 20.15 -11.31
N LYS C 317 26.41 21.45 -11.41
CA LYS C 317 26.43 22.08 -12.73
C LYS C 317 27.79 21.90 -13.40
N ASP C 318 28.86 21.96 -12.61
CA ASP C 318 30.22 21.85 -13.14
C ASP C 318 30.54 20.41 -13.50
N PHE C 319 30.15 19.48 -12.63
CA PHE C 319 30.28 18.07 -12.90
C PHE C 319 29.60 17.70 -14.22
N ILE C 320 28.43 18.27 -14.47
CA ILE C 320 27.67 17.95 -15.67
C ILE C 320 28.28 18.66 -16.87
N ALA C 321 28.66 19.92 -16.70
CA ALA C 321 29.29 20.66 -17.79
C ALA C 321 30.58 20.00 -18.25
N ASP C 322 31.30 19.33 -17.36
CA ASP C 322 32.55 18.68 -17.73
CA ASP C 322 32.54 18.69 -17.75
C ASP C 322 32.34 17.40 -18.55
N GLY C 323 31.09 16.98 -18.80
CA GLY C 323 30.84 15.80 -19.61
C GLY C 323 30.76 14.47 -18.87
N ASN C 324 30.67 14.48 -17.54
CA ASN C 324 30.78 13.23 -16.79
C ASN C 324 29.59 12.28 -16.99
N LEU C 325 28.42 12.80 -17.40
CA LEU C 325 27.22 11.98 -17.59
C LEU C 325 27.17 11.27 -18.94
N GLU C 326 28.08 11.59 -19.85
CA GLU C 326 28.10 10.99 -21.17
C GLU C 326 28.50 9.53 -21.11
N ILE C 327 28.20 8.80 -22.18
CA ILE C 327 28.55 7.38 -22.24
C ILE C 327 30.04 7.20 -22.03
N GLY C 328 30.87 8.13 -22.50
CA GLY C 328 32.30 8.00 -22.26
C GLY C 328 32.80 8.72 -21.02
N GLY C 329 31.90 9.20 -20.15
CA GLY C 329 32.31 9.97 -19.00
C GLY C 329 32.60 9.10 -17.79
N ARG C 330 32.94 9.76 -16.68
CA ARG C 330 33.25 9.08 -15.42
CA ARG C 330 33.25 9.03 -15.46
C ARG C 330 32.00 8.56 -14.73
N LEU C 331 30.82 9.06 -15.07
CA LEU C 331 29.57 8.57 -14.49
C LEU C 331 28.48 8.53 -15.55
N PRO C 332 28.60 7.61 -16.50
CA PRO C 332 27.55 7.47 -17.52
C PRO C 332 26.20 7.39 -16.87
N CYS C 333 25.25 8.17 -17.39
CA CYS C 333 24.01 8.39 -16.69
C CYS C 333 22.81 8.24 -17.60
N ASN C 334 21.78 7.57 -17.11
CA ASN C 334 20.51 7.47 -17.82
C ASN C 334 20.74 7.00 -19.26
N THR C 335 21.43 5.86 -19.38
CA THR C 335 21.84 5.33 -20.67
C THR C 335 20.66 4.82 -21.49
N HIS C 336 19.48 4.68 -20.89
CA HIS C 336 18.27 4.38 -21.63
C HIS C 336 17.53 5.63 -22.10
N GLY C 337 17.92 6.80 -21.61
CA GLY C 337 17.23 8.04 -21.90
C GLY C 337 16.49 8.61 -20.72
N GLY C 338 16.40 7.86 -19.62
CA GLY C 338 15.71 8.34 -18.44
C GLY C 338 14.20 8.32 -18.56
N GLN C 339 13.57 8.82 -17.49
CA GLN C 339 12.12 9.03 -17.54
C GLN C 339 11.76 10.09 -18.56
N LEU C 340 12.68 11.04 -18.80
CA LEU C 340 12.46 12.14 -19.72
C LEU C 340 12.49 11.67 -21.17
N GLY C 341 13.39 10.74 -21.48
CA GLY C 341 13.64 10.33 -22.85
C GLY C 341 13.06 8.99 -23.24
N GLU C 342 13.09 7.99 -22.33
CA GLU C 342 12.56 6.67 -22.67
C GLU C 342 11.05 6.57 -22.39
N ALA C 343 10.66 6.62 -21.11
CA ALA C 343 9.28 6.44 -20.67
C ALA C 343 9.22 6.75 -19.19
N TYR C 344 8.06 7.20 -18.73
CA TYR C 344 7.83 7.50 -17.32
C TYR C 344 7.05 6.34 -16.70
N ILE C 345 7.78 5.28 -16.31
CA ILE C 345 7.14 4.19 -15.59
C ILE C 345 7.53 4.34 -14.12
N HIS C 346 7.49 5.58 -13.61
CA HIS C 346 7.72 5.89 -12.19
C HIS C 346 8.96 5.19 -11.66
N GLY C 347 10.00 5.17 -12.51
CA GLY C 347 11.32 4.73 -12.10
C GLY C 347 11.62 3.27 -12.37
N MET C 348 10.60 2.46 -12.59
CA MET C 348 10.84 1.02 -12.69
C MET C 348 11.62 0.67 -13.94
N ASN C 349 11.41 1.39 -15.05
CA ASN C 349 12.21 1.10 -16.24
C ASN C 349 13.67 1.53 -16.08
N GLY C 350 13.96 2.45 -15.16
CA GLY C 350 15.35 2.75 -14.84
C GLY C 350 16.06 1.59 -14.17
N ILE C 351 15.36 0.88 -13.29
CA ILE C 351 15.96 -0.30 -12.66
C ILE C 351 16.27 -1.34 -13.71
N ALA C 352 15.36 -1.53 -14.66
CA ALA C 352 15.65 -2.46 -15.75
C ALA C 352 16.92 -2.08 -16.52
N GLU C 353 17.09 -0.78 -16.83
CA GLU C 353 18.30 -0.37 -17.52
C GLU C 353 19.56 -0.66 -16.68
N ALA C 354 19.46 -0.46 -15.37
CA ALA C 354 20.60 -0.77 -14.50
C ALA C 354 20.95 -2.25 -14.57
N VAL C 355 19.93 -3.12 -14.62
CA VAL C 355 20.17 -4.54 -14.81
C VAL C 355 20.89 -4.78 -16.13
N ARG C 356 20.41 -4.15 -17.20
CA ARG C 356 21.08 -4.32 -18.48
C ARG C 356 22.54 -3.87 -18.41
N LEU C 357 22.81 -2.76 -17.74
CA LEU C 357 24.18 -2.29 -17.65
C LEU C 357 25.07 -3.33 -16.98
N VAL C 358 24.58 -3.97 -15.90
CA VAL C 358 25.37 -5.02 -15.24
C VAL C 358 25.54 -6.21 -16.15
N ARG C 359 24.51 -6.56 -16.90
CA ARG C 359 24.57 -7.71 -17.81
C ARG C 359 25.48 -7.45 -18.99
N GLY C 360 25.62 -6.19 -19.41
CA GLY C 360 26.32 -5.82 -20.62
C GLY C 360 25.43 -5.55 -21.81
N THR C 361 24.12 -5.45 -21.61
CA THR C 361 23.15 -5.48 -22.70
C THR C 361 22.44 -4.15 -22.91
N SER C 362 22.91 -3.06 -22.32
CA SER C 362 22.31 -1.76 -22.63
C SER C 362 22.54 -1.40 -24.09
N VAL C 363 21.55 -0.74 -24.70
CA VAL C 363 21.73 -0.22 -26.05
C VAL C 363 22.87 0.78 -26.08
N ASN C 364 23.13 1.44 -24.97
CA ASN C 364 24.20 2.43 -24.86
C ASN C 364 25.26 1.98 -23.86
N GLN C 365 25.62 0.70 -23.90
CA GLN C 365 26.52 0.11 -22.94
C GLN C 365 27.87 0.83 -22.99
N PRO C 366 28.35 1.42 -21.88
CA PRO C 366 29.60 2.18 -21.93
C PRO C 366 30.87 1.37 -21.75
N GLY C 367 30.77 0.06 -21.92
CA GLY C 367 31.84 -0.86 -21.59
C GLY C 367 31.42 -1.75 -20.43
N ASP C 368 32.41 -2.37 -19.81
CA ASP C 368 32.12 -3.16 -18.64
C ASP C 368 31.69 -2.25 -17.50
N VAL C 369 30.56 -2.57 -16.85
CA VAL C 369 30.02 -1.81 -15.72
C VAL C 369 29.83 -2.76 -14.54
N THR C 370 30.58 -2.53 -13.46
CA THR C 370 30.63 -3.43 -12.30
C THR C 370 29.54 -3.16 -11.28
N ASN C 371 29.20 -1.88 -11.08
CA ASN C 371 28.27 -1.41 -10.03
C ASN C 371 27.45 -0.27 -10.62
N VAL C 372 26.13 -0.30 -10.45
CA VAL C 372 25.26 0.75 -10.95
C VAL C 372 24.42 1.24 -9.78
N LEU C 373 24.38 2.55 -9.58
CA LEU C 373 23.52 3.13 -8.57
C LEU C 373 22.24 3.65 -9.24
N VAL C 374 21.09 3.25 -8.70
CA VAL C 374 19.78 3.66 -9.19
C VAL C 374 19.04 4.42 -8.09
N THR C 375 18.42 5.54 -8.45
CA THR C 375 17.58 6.25 -7.50
C THR C 375 16.13 6.21 -7.93
N ALA C 376 15.26 6.40 -6.95
CA ALA C 376 13.82 6.46 -7.15
C ALA C 376 13.33 7.91 -7.08
N GLY C 377 12.02 8.10 -6.93
CA GLY C 377 11.42 9.41 -7.12
C GLY C 377 11.98 10.47 -6.17
N THR C 378 12.07 11.68 -6.69
CA THR C 378 12.63 12.80 -5.96
C THR C 378 11.53 13.74 -5.51
N GLY C 379 11.74 14.32 -4.33
CA GLY C 379 10.75 15.16 -3.69
C GLY C 379 9.85 14.43 -2.71
N VAL C 380 9.99 13.12 -2.64
CA VAL C 380 9.13 12.23 -1.84
C VAL C 380 10.02 11.31 -1.02
N PRO C 381 9.47 10.67 0.00
CA PRO C 381 10.14 9.49 0.57
C PRO C 381 10.59 8.60 -0.58
N THR C 382 11.86 8.16 -0.57
CA THR C 382 12.46 7.63 -1.78
C THR C 382 13.28 6.37 -1.44
N SER C 383 14.06 5.92 -2.41
CA SER C 383 14.72 4.63 -2.33
C SER C 383 15.85 4.63 -3.36
N GLY C 384 16.75 3.68 -3.20
CA GLY C 384 17.77 3.48 -4.21
C GLY C 384 18.32 2.08 -4.13
N LEU C 385 19.11 1.74 -5.14
CA LEU C 385 19.79 0.46 -5.23
C LEU C 385 21.23 0.67 -5.67
N ILE C 386 22.07 -0.31 -5.32
CA ILE C 386 23.31 -0.58 -6.04
C ILE C 386 23.21 -2.00 -6.55
N LEU C 387 23.26 -2.15 -7.87
CA LEU C 387 23.31 -3.46 -8.51
C LEU C 387 24.71 -3.71 -9.04
N GLY C 388 25.16 -4.96 -8.95
CA GLY C 388 26.52 -5.23 -9.38
C GLY C 388 26.70 -6.64 -9.89
N ALA C 389 27.87 -6.83 -10.52
CA ALA C 389 28.25 -8.17 -10.96
C ALA C 389 28.47 -9.11 -9.77
N ASP C 390 28.33 -10.40 -10.04
CA ASP C 390 28.54 -11.41 -9.01
C ASP C 390 29.99 -11.33 -8.56
N ARG C 391 30.22 -11.23 -7.24
CA ARG C 391 31.57 -11.01 -6.75
C ARG C 391 32.33 -12.32 -6.59
N LYS C 392 31.61 -13.42 -6.41
CA LYS C 392 31.96 -14.73 -6.95
C LYS C 392 31.45 -15.86 -6.08
N LEU C 393 31.67 -17.09 -6.56
CA LEU C 393 30.84 -18.23 -6.23
C LEU C 393 31.51 -19.17 -5.23
N ARG D 2 -13.13 25.32 -2.28
CA ARG D 2 -13.08 24.90 -0.88
C ARG D 2 -11.91 23.91 -0.67
N PRO D 3 -10.95 24.26 0.20
CA PRO D 3 -9.76 23.40 0.36
C PRO D 3 -10.07 22.10 1.09
N ALA D 4 -9.04 21.25 1.16
CA ALA D 4 -9.09 19.95 1.83
C ALA D 4 -8.97 20.12 3.34
N ILE D 5 -10.10 20.46 3.94
CA ILE D 5 -10.16 20.88 5.33
C ILE D 5 -10.58 19.69 6.18
N ASN D 6 -9.88 19.49 7.30
CA ASN D 6 -10.30 18.48 8.26
C ASN D 6 -10.08 19.07 9.64
N ARG D 7 -10.22 18.25 10.67
CA ARG D 7 -10.19 18.79 12.03
C ARG D 7 -8.85 19.38 12.43
N ASP D 8 -7.77 19.01 11.74
CA ASP D 8 -6.44 19.42 12.15
C ASP D 8 -5.98 20.69 11.44
N ASN D 9 -6.67 21.15 10.39
CA ASN D 9 -6.31 22.43 9.76
C ASN D 9 -7.47 23.42 9.65
N ALA D 10 -8.66 23.07 10.13
CA ALA D 10 -9.81 23.97 10.02
C ALA D 10 -9.55 25.30 10.71
N PHE D 11 -8.87 25.27 11.85
CA PHE D 11 -8.61 26.52 12.60
C PHE D 11 -7.94 27.56 11.72
N TRP D 12 -7.02 27.12 10.85
CA TRP D 12 -6.26 28.09 10.07
C TRP D 12 -7.15 28.82 9.06
N PHE D 13 -8.05 28.09 8.41
CA PHE D 13 -8.96 28.69 7.44
C PHE D 13 -10.08 29.47 8.11
N GLU D 14 -10.52 29.05 9.29
CA GLU D 14 -11.44 29.86 10.09
C GLU D 14 -10.82 31.21 10.45
N ALA D 15 -9.56 31.20 10.88
CA ALA D 15 -8.86 32.46 11.17
C ALA D 15 -8.69 33.29 9.91
N ALA D 16 -8.27 32.66 8.81
CA ALA D 16 -8.18 33.39 7.56
C ALA D 16 -9.50 34.04 7.18
N LYS D 17 -10.62 33.40 7.54
CA LYS D 17 -11.93 34.01 7.32
C LYS D 17 -12.07 35.32 8.06
N GLN D 18 -11.46 35.42 9.24
CA GLN D 18 -11.49 36.64 10.02
C GLN D 18 -10.35 37.59 9.64
N ARG D 19 -9.64 37.31 8.56
CA ARG D 19 -8.49 38.11 8.14
C ARG D 19 -7.40 38.11 9.22
N ARG D 20 -7.19 36.95 9.83
CA ARG D 20 -6.10 36.74 10.77
CA ARG D 20 -6.10 36.74 10.77
C ARG D 20 -5.23 35.61 10.24
N LEU D 21 -3.94 35.89 10.05
CA LEU D 21 -2.98 34.86 9.65
C LEU D 21 -2.37 34.30 10.92
N VAL D 22 -2.59 33.01 11.18
CA VAL D 22 -2.14 32.44 12.43
C VAL D 22 -1.12 31.33 12.15
N ILE D 23 -0.41 30.97 13.21
CA ILE D 23 0.58 29.89 13.22
C ILE D 23 0.27 29.01 14.42
N GLN D 24 0.17 27.71 14.19
CA GLN D 24 -0.10 26.81 15.31
C GLN D 24 1.10 26.80 16.26
N ARG D 25 0.82 26.63 17.55
CA ARG D 25 1.87 26.63 18.56
C ARG D 25 1.55 25.59 19.64
N CYS D 26 2.57 24.87 20.08
CA CYS D 26 2.41 23.95 21.19
C CYS D 26 2.11 24.73 22.45
N ALA D 27 1.04 24.36 23.14
CA ALA D 27 0.74 25.04 24.40
C ALA D 27 1.76 24.76 25.49
N ALA D 28 2.48 23.64 25.41
CA ALA D 28 3.41 23.24 26.47
C ALA D 28 4.79 23.89 26.33
N CYS D 29 5.47 23.64 25.23
CA CYS D 29 6.82 24.16 25.05
C CYS D 29 6.86 25.41 24.18
N LYS D 30 5.71 25.87 23.68
CA LYS D 30 5.57 27.10 22.92
C LYS D 30 6.27 27.09 21.56
N THR D 31 6.64 25.92 21.03
CA THR D 31 7.29 25.89 19.73
C THR D 31 6.25 25.95 18.62
N LEU D 32 6.46 26.86 17.67
CA LEU D 32 5.59 26.98 16.50
C LEU D 32 5.76 25.81 15.53
N ARG D 33 4.69 25.50 14.80
CA ARG D 33 4.78 24.51 13.73
C ARG D 33 3.85 24.86 12.59
N HIS D 34 4.34 24.68 11.39
CA HIS D 34 3.58 24.82 10.16
C HIS D 34 4.24 24.05 9.02
N PRO D 35 3.50 23.26 8.26
CA PRO D 35 2.05 23.04 8.34
C PRO D 35 1.64 22.43 9.69
N PRO D 36 0.38 22.63 10.07
CA PRO D 36 -0.07 22.22 11.40
C PRO D 36 -0.31 20.71 11.52
N GLY D 37 -0.51 20.31 12.77
CA GLY D 37 -0.85 18.93 13.08
C GLY D 37 -1.20 18.80 14.55
N PRO D 38 -1.82 17.68 14.92
CA PRO D 38 -2.36 17.55 16.28
C PRO D 38 -1.33 17.42 17.38
N CYS D 39 -0.08 17.10 17.06
CA CYS D 39 0.94 16.73 18.04
C CYS D 39 2.16 17.65 17.92
N CYS D 40 2.84 17.91 19.05
CA CYS D 40 4.10 18.65 19.04
C CYS D 40 5.27 17.66 18.86
N PRO D 41 6.05 17.76 17.79
CA PRO D 41 7.16 16.80 17.61
C PRO D 41 8.31 17.04 18.57
N HIS D 42 8.33 18.16 19.27
CA HIS D 42 9.42 18.45 20.19
C HIS D 42 9.19 17.89 21.59
N CYS D 43 7.97 17.97 22.11
CA CYS D 43 7.68 17.51 23.47
C CYS D 43 6.55 16.51 23.56
N GLY D 44 5.85 16.20 22.48
CA GLY D 44 4.82 15.19 22.51
C GLY D 44 3.46 15.65 22.97
N SER D 45 3.31 16.93 23.30
CA SER D 45 2.01 17.39 23.79
C SER D 45 1.00 17.49 22.65
N PHE D 46 -0.24 17.15 22.96
CA PHE D 46 -1.36 17.34 22.06
C PHE D 46 -2.15 18.61 22.37
N ASP D 47 -1.64 19.44 23.29
CA ASP D 47 -2.26 20.73 23.59
C ASP D 47 -1.60 21.81 22.76
N TRP D 48 -2.42 22.62 22.09
CA TRP D 48 -1.90 23.65 21.21
C TRP D 48 -2.83 24.85 21.19
N ASP D 49 -2.26 25.98 20.77
CA ASP D 49 -3.02 27.20 20.53
C ASP D 49 -2.44 27.84 19.27
N THR D 50 -2.70 29.13 19.08
CA THR D 50 -2.22 29.85 17.91
C THR D 50 -1.62 31.18 18.34
N VAL D 51 -0.70 31.69 17.51
CA VAL D 51 -0.27 33.08 17.58
C VAL D 51 -0.55 33.73 16.23
N GLU D 52 -0.90 35.01 16.26
CA GLU D 52 -1.13 35.73 15.02
C GLU D 52 0.19 36.26 14.47
N ALA D 53 0.39 36.07 13.17
CA ALA D 53 1.60 36.54 12.52
C ALA D 53 1.63 38.07 12.49
N ALA D 54 2.84 38.62 12.46
CA ALA D 54 2.96 40.07 12.36
C ALA D 54 2.48 40.57 11.00
N GLY D 55 2.55 39.74 9.97
CA GLY D 55 2.17 40.15 8.63
C GLY D 55 3.34 40.49 7.73
N THR D 56 4.56 40.24 8.17
CA THR D 56 5.75 40.53 7.41
C THR D 56 6.50 39.23 7.11
N GLY D 57 7.29 39.26 6.04
CA GLY D 57 8.12 38.13 5.70
C GLY D 57 9.03 38.48 4.54
N GLN D 58 9.68 37.44 4.02
CA GLN D 58 10.56 37.57 2.88
C GLN D 58 10.21 36.48 1.87
N VAL D 59 10.44 36.75 0.59
CA VAL D 59 10.31 35.73 -0.43
C VAL D 59 11.48 34.76 -0.28
N TYR D 60 11.18 33.50 0.06
CA TYR D 60 12.22 32.49 0.18
C TYR D 60 12.42 31.76 -1.14
N SER D 61 11.33 31.47 -1.83
CA SER D 61 11.39 30.96 -3.18
C SER D 61 10.09 31.33 -3.88
N TYR D 62 10.04 31.08 -5.18
CA TYR D 62 8.80 31.36 -5.91
C TYR D 62 8.83 30.65 -7.26
N ILE D 63 7.63 30.48 -7.80
CA ILE D 63 7.44 29.93 -9.14
C ILE D 63 6.56 30.87 -9.95
N VAL D 64 6.69 30.81 -11.26
CA VAL D 64 5.85 31.57 -12.19
C VAL D 64 5.20 30.56 -13.12
N ALA D 65 3.88 30.39 -12.98
CA ALA D 65 3.14 29.39 -13.74
C ALA D 65 2.68 30.00 -15.06
N HIS D 66 3.08 29.38 -16.18
CA HIS D 66 2.74 29.91 -17.50
C HIS D 66 1.72 29.06 -18.25
N HIS D 67 1.85 27.74 -18.15
CA HIS D 67 1.14 26.81 -19.01
C HIS D 67 1.21 25.45 -18.35
N PRO D 68 0.12 24.67 -18.34
CA PRO D 68 -1.19 24.94 -18.96
C PRO D 68 -2.06 25.91 -18.15
N PRO D 69 -3.16 26.37 -18.75
CA PRO D 69 -4.01 27.34 -18.04
C PRO D 69 -4.67 26.76 -16.79
N HIS D 70 -4.72 27.59 -15.75
CA HIS D 70 -5.48 27.36 -14.53
C HIS D 70 -6.78 28.14 -14.59
N PRO D 71 -7.93 27.53 -14.30
CA PRO D 71 -9.19 28.28 -14.44
C PRO D 71 -9.34 29.45 -13.49
N ALA D 72 -8.91 29.31 -12.24
CA ALA D 72 -9.13 30.32 -11.22
C ALA D 72 -8.03 31.38 -11.19
N PHE D 73 -7.22 31.48 -12.25
CA PHE D 73 -6.14 32.45 -12.24
C PHE D 73 -5.91 32.98 -13.65
N GLU D 74 -5.60 34.27 -13.74
CA GLU D 74 -5.05 34.84 -14.96
CA GLU D 74 -5.05 34.83 -14.96
C GLU D 74 -3.63 34.34 -15.15
N MET D 75 -3.32 33.85 -16.36
CA MET D 75 -1.96 33.36 -16.60
C MET D 75 -1.07 34.48 -17.13
N PRO D 76 0.19 34.59 -16.69
CA PRO D 76 0.85 33.77 -15.66
C PRO D 76 0.51 34.24 -14.26
N TYR D 77 0.69 33.39 -13.25
CA TYR D 77 0.53 33.84 -11.88
C TYR D 77 1.71 33.33 -11.07
N VAL D 78 1.87 33.88 -9.87
CA VAL D 78 3.03 33.62 -9.03
C VAL D 78 2.56 32.95 -7.75
N VAL D 79 3.25 31.89 -7.37
CA VAL D 79 3.14 31.32 -6.05
C VAL D 79 4.47 31.46 -5.35
N ALA D 80 4.45 32.03 -4.15
CA ALA D 80 5.66 32.28 -3.38
C ALA D 80 5.71 31.39 -2.15
N LEU D 81 6.92 30.98 -1.79
CA LEU D 81 7.21 30.38 -0.50
C LEU D 81 7.73 31.51 0.36
N VAL D 82 6.91 31.98 1.30
CA VAL D 82 7.24 33.14 2.11
C VAL D 82 7.78 32.66 3.46
N GLU D 83 8.92 33.22 3.86
CA GLU D 83 9.44 32.98 5.21
C GLU D 83 8.93 34.11 6.10
N LEU D 84 8.06 33.76 7.04
CA LEU D 84 7.52 34.73 7.97
C LEU D 84 8.59 35.17 8.96
N THR D 85 8.45 36.39 9.47
CA THR D 85 9.37 36.88 10.49
C THR D 85 9.42 35.92 11.67
N GLU D 86 8.30 35.25 11.98
CA GLU D 86 8.29 34.33 13.10
C GLU D 86 9.15 33.09 12.87
N GLY D 87 9.57 32.81 11.64
CA GLY D 87 10.46 31.70 11.36
C GLY D 87 9.84 30.53 10.63
N THR D 88 8.52 30.43 10.59
CA THR D 88 7.88 29.43 9.77
C THR D 88 7.79 29.93 8.33
N ARG D 89 7.44 29.03 7.44
CA ARG D 89 7.19 29.40 6.05
C ARG D 89 5.76 29.08 5.65
N LEU D 90 5.34 29.72 4.56
CA LEU D 90 3.96 29.61 4.10
C LEU D 90 3.94 29.76 2.59
N VAL D 91 3.21 28.89 1.92
CA VAL D 91 2.93 29.02 0.50
C VAL D 91 1.70 29.91 0.33
N THR D 92 1.84 30.96 -0.48
CA THR D 92 0.70 31.79 -0.85
C THR D 92 0.97 32.35 -2.24
N ASN D 93 0.01 33.13 -2.75
CA ASN D 93 0.28 33.87 -3.97
C ASN D 93 1.01 35.16 -3.65
N LEU D 94 1.71 35.66 -4.66
CA LEU D 94 2.45 36.91 -4.56
C LEU D 94 1.88 37.83 -5.64
N VAL D 95 1.33 38.97 -5.21
CA VAL D 95 0.70 39.91 -6.13
C VAL D 95 1.37 41.27 -6.00
N GLY D 96 0.95 42.18 -6.86
CA GLY D 96 1.47 43.53 -6.81
C GLY D 96 2.90 43.67 -7.24
N ILE D 97 3.40 42.75 -8.06
CA ILE D 97 4.74 42.86 -8.62
C ILE D 97 4.80 41.99 -9.87
N ALA D 98 5.41 42.53 -10.91
CA ALA D 98 5.60 41.77 -12.14
C ALA D 98 6.52 40.59 -11.87
N PRO D 99 6.27 39.43 -12.48
CA PRO D 99 7.12 38.25 -12.18
C PRO D 99 8.60 38.47 -12.41
N ASP D 100 9.00 39.21 -13.44
CA ASP D 100 10.42 39.38 -13.71
CA ASP D 100 10.41 39.42 -13.73
C ASP D 100 11.11 40.32 -12.72
N LYS D 101 10.35 40.97 -11.84
CA LYS D 101 10.93 41.86 -10.83
C LYS D 101 11.09 41.23 -9.46
N ILE D 102 10.62 40.00 -9.26
CA ILE D 102 10.75 39.34 -7.97
C ILE D 102 12.22 39.03 -7.69
N GLU D 103 12.66 39.28 -6.46
CA GLU D 103 13.99 38.89 -6.00
C GLU D 103 13.88 38.04 -4.74
N ILE D 104 14.64 36.94 -4.69
CA ILE D 104 14.73 36.15 -3.47
C ILE D 104 15.18 37.08 -2.35
N GLY D 105 14.52 36.96 -1.19
CA GLY D 105 14.86 37.74 -0.02
C GLY D 105 14.09 39.04 0.12
N MET D 106 13.32 39.43 -0.87
CA MET D 106 12.66 40.71 -0.83
C MET D 106 11.59 40.73 0.27
N PRO D 107 11.43 41.86 0.96
CA PRO D 107 10.41 41.93 2.02
C PRO D 107 9.01 42.02 1.44
N VAL D 108 8.08 41.31 2.08
CA VAL D 108 6.68 41.32 1.70
C VAL D 108 5.82 41.56 2.94
N VAL D 109 4.60 42.00 2.70
CA VAL D 109 3.64 42.24 3.77
C VAL D 109 2.32 41.57 3.43
N LEU D 110 1.57 41.22 4.47
CA LEU D 110 0.35 40.43 4.31
C LEU D 110 -0.78 41.27 3.73
N ASP D 111 -1.57 40.65 2.86
CA ASP D 111 -2.82 41.24 2.38
C ASP D 111 -3.84 40.12 2.30
N TRP D 112 -5.06 40.45 1.92
CA TRP D 112 -6.14 39.47 1.98
C TRP D 112 -6.88 39.43 0.66
N LEU D 113 -7.08 38.22 0.19
CA LEU D 113 -7.66 37.97 -1.12
C LEU D 113 -9.04 37.38 -0.91
N GLU D 114 -10.05 37.99 -1.51
CA GLU D 114 -11.33 37.32 -1.66
C GLU D 114 -11.39 36.70 -3.05
N ALA D 115 -11.97 35.51 -3.10
CA ALA D 115 -11.60 34.49 -4.07
C ALA D 115 -12.85 33.75 -4.48
N ASP D 116 -13.64 33.38 -3.50
CA ASP D 116 -15.07 33.16 -3.63
C ASP D 116 -15.69 33.75 -2.38
N PRO D 117 -17.00 34.05 -2.39
CA PRO D 117 -17.59 34.73 -1.23
C PRO D 117 -17.58 33.91 0.04
N GLU D 118 -17.09 32.66 -0.02
CA GLU D 118 -16.99 31.79 1.14
C GLU D 118 -15.57 31.40 1.51
N LEU D 119 -14.55 31.93 0.81
CA LEU D 119 -13.16 31.58 1.10
C LEU D 119 -12.31 32.84 1.02
N THR D 120 -11.64 33.15 2.12
CA THR D 120 -10.72 34.28 2.21
C THR D 120 -9.33 33.73 2.47
N LEU D 121 -8.33 34.24 1.76
CA LEU D 121 -6.99 33.66 1.81
C LEU D 121 -5.94 34.74 2.01
N PRO D 122 -4.88 34.46 2.79
CA PRO D 122 -3.78 35.41 2.87
C PRO D 122 -3.02 35.44 1.56
N VAL D 123 -2.56 36.63 1.20
CA VAL D 123 -1.70 36.85 0.06
C VAL D 123 -0.61 37.82 0.51
N PHE D 124 0.50 37.82 -0.22
CA PHE D 124 1.59 38.73 0.08
C PHE D 124 1.88 39.63 -1.12
N ARG D 125 2.35 40.83 -0.83
CA ARG D 125 2.74 41.82 -1.82
C ARG D 125 3.99 42.52 -1.30
N PRO D 126 4.72 43.20 -2.17
CA PRO D 126 5.98 43.84 -1.74
C PRO D 126 5.74 44.79 -0.58
N ALA D 127 6.63 44.73 0.43
CA ALA D 127 6.52 45.67 1.55
C ALA D 127 6.22 47.05 0.99
N VAL D 128 7.04 47.48 0.03
CA VAL D 128 6.55 48.10 -1.22
C VAL D 128 7.60 47.84 -2.27
NA NA E . 13.71 8.53 13.09
N1 EPE F . -16.08 2.21 27.98
C2 EPE F . -16.88 3.27 27.34
C3 EPE F . -18.37 2.92 27.35
N4 EPE F . -18.67 1.52 27.07
C5 EPE F . -17.63 0.51 27.19
C6 EPE F . -16.18 1.01 27.14
C7 EPE F . -20.04 1.08 27.34
C8 EPE F . -21.13 1.53 26.35
O8 EPE F . -21.28 2.94 26.29
C9 EPE F . -14.72 2.77 28.17
C10 EPE F . -13.58 1.93 27.61
S EPE F . -12.01 2.76 28.00
O1S EPE F . -11.77 2.64 29.44
O2S EPE F . -12.15 4.18 27.65
O3S EPE F . -10.90 2.15 27.28
H21 EPE F . -16.55 3.41 26.32
H22 EPE F . -16.73 4.21 27.87
H31 EPE F . -18.87 3.55 26.62
H32 EPE F . -18.78 3.17 28.33
H51 EPE F . -17.76 -0.23 26.40
H52 EPE F . -17.77 -0.02 28.14
H61 EPE F . -15.91 1.24 26.12
H62 EPE F . -15.51 0.24 27.52
H71 EPE F . -20.31 1.42 28.33
H72 EPE F . -20.03 -0.01 27.35
H81 EPE F . -22.08 1.08 26.66
H82 EPE F . -20.90 1.15 25.36
HO8 EPE F . -20.65 3.37 26.90
H91 EPE F . -14.68 3.75 27.70
H92 EPE F . -14.56 2.91 29.23
H101 EPE F . -13.69 1.81 26.54
H102 EPE F . -13.59 0.94 28.07
CL CL G . -20.13 -2.89 -9.88
CL CL H . -35.07 -14.47 14.67
CL CL I . -11.01 -28.50 26.87
CL CL J . -4.70 -26.08 -8.16
C1 PEG K . -2.72 10.76 25.52
O1 PEG K . -3.15 12.05 25.17
C2 PEG K . -1.63 10.34 24.54
O2 PEG K . -0.71 9.52 25.19
C3 PEG K . 0.35 9.08 24.39
C4 PEG K . 1.67 9.18 25.15
O4 PEG K . 1.80 8.13 26.07
H11 PEG K . -2.37 10.77 26.42
H12 PEG K . -3.47 10.15 25.47
HO1 PEG K . -3.47 12.44 25.86
H21 PEG K . -2.04 9.84 23.81
H22 PEG K . -1.19 11.13 24.19
H31 PEG K . 0.19 8.14 24.14
H32 PEG K . 0.38 9.62 23.58
H41 PEG K . 2.41 9.14 24.51
H42 PEG K . 1.71 10.02 25.62
HO4 PEG K . 2.51 8.22 26.50
ZN ZN L . -4.69 -21.38 -21.99
N1 EPE M . -13.18 -10.72 -28.45
C2 EPE M . -12.51 -11.78 -27.70
C3 EPE M . -11.12 -11.32 -27.29
N4 EPE M . -10.37 -10.83 -28.44
C5 EPE M . -11.05 -9.97 -29.39
C6 EPE M . -12.46 -10.46 -29.71
C7 EPE M . -8.92 -10.77 -28.38
C8 EPE M . -8.30 -12.16 -28.26
O8 EPE M . -7.88 -12.37 -26.93
C9 EPE M . -14.56 -11.11 -28.71
C10 EPE M . -15.44 -10.57 -27.59
S EPE M . -16.94 -11.57 -27.47
O1S EPE M . -17.83 -11.13 -28.54
O2S EPE M . -17.62 -11.42 -26.17
O3S EPE M . -16.57 -12.98 -27.67
H21 EPE M . -12.44 -12.68 -28.32
H22 EPE M . -13.09 -12.02 -26.81
H31 EPE M . -10.57 -12.16 -26.84
H32 EPE M . -11.19 -10.53 -26.54
H51 EPE M . -10.47 -9.92 -30.31
H52 EPE M . -11.10 -8.95 -28.98
H61 EPE M . -12.41 -11.37 -30.30
H62 EPE M . -12.99 -9.70 -30.29
H71 EPE M . -8.62 -10.16 -27.53
H72 EPE M . -8.55 -10.29 -29.28
H81 EPE M . -7.45 -12.25 -28.93
H82 EPE M . -9.04 -12.92 -28.55
HO8 EPE M . -8.09 -11.58 -26.41
H91 EPE M . -14.89 -10.69 -29.67
H92 EPE M . -14.64 -12.19 -28.76
H101 EPE M . -14.90 -10.62 -26.64
H102 EPE M . -15.70 -9.54 -27.78
NA NA N . 2.96 -19.16 -6.30
CL CL O . 5.87 13.75 -8.85
CL CL P . 10.56 30.96 -24.13
C1 PEG Q . 4.69 -12.97 -22.89
O1 PEG Q . 6.01 -13.28 -22.56
C2 PEG Q . 4.35 -11.50 -22.61
O2 PEG Q . 3.88 -10.88 -23.78
C3 PEG Q . 2.59 -11.20 -24.21
C4 PEG Q . 2.31 -10.64 -25.61
O4 PEG Q . 1.00 -10.94 -26.02
H11 PEG Q . 4.54 -13.15 -23.82
H12 PEG Q . 4.09 -13.53 -22.37
HO1 PEG Q . 6.08 -14.12 -22.42
H21 PEG Q . 3.65 -11.45 -21.93
H22 PEG Q . 5.14 -11.04 -22.29
H31 PEG Q . 1.95 -10.82 -23.58
H32 PEG Q . 2.48 -12.16 -24.23
H41 PEG Q . 2.94 -11.01 -26.23
H42 PEG Q . 2.42 -9.67 -25.58
HO4 PEG Q . 1.01 -11.20 -26.83
ZN ZN R . 5.80 20.97 22.65
N1 EPE S . -8.10 25.76 20.00
C2 EPE S . -6.75 25.16 20.04
C3 EPE S . -6.79 23.65 19.99
N4 EPE S . -7.54 23.14 21.11
C5 EPE S . -8.88 23.67 21.21
C6 EPE S . -8.94 25.19 21.10
C7 EPE S . -7.24 21.81 21.62
C8 EPE S . -5.82 21.63 22.18
O8 EPE S . -5.67 22.29 23.41
C9 EPE S . -7.96 27.20 20.27
C10 EPE S . -7.33 27.99 19.12
S EPE S . -8.44 28.20 17.70
O1S EPE S . -7.79 29.02 16.67
O2S EPE S . -9.66 28.87 18.15
O3S EPE S . -8.78 26.89 17.15
H21 EPE S . -6.23 25.49 20.95
H22 EPE S . -6.17 25.54 19.19
H31 EPE S . -5.77 23.26 20.02
H32 EPE S . -7.26 23.34 19.06
H51 EPE S . -9.30 23.37 22.18
H52 EPE S . -9.51 23.22 20.43
H61 EPE S . -9.97 25.50 20.93
H62 EPE S . -8.63 25.63 22.05
H71 EPE S . -7.39 21.08 20.82
H72 EPE S . -7.96 21.57 22.40
H81 EPE S . -5.10 22.03 21.47
H82 EPE S . -5.61 20.57 22.31
HO8 EPE S . -6.52 22.72 23.65
H91 EPE S . -7.36 27.35 21.16
H92 EPE S . -8.95 27.61 20.48
H101 EPE S . -6.43 27.47 18.79
H102 EPE S . -7.03 28.97 19.49
CL CL T . -3.79 35.48 -7.45
#